data_438D
# 
_entry.id   438D 
# 
_audit_conform.dict_name       mmcif_pdbx.dic 
_audit_conform.dict_version    5.387 
_audit_conform.dict_location   http://mmcif.pdb.org/dictionaries/ascii/mmcif_pdbx.dic 
# 
loop_
_database_2.database_id 
_database_2.database_code 
_database_2.pdbx_database_accession 
_database_2.pdbx_DOI 
PDB   438D         pdb_0000438d 10.2210/pdb438d/pdb 
RCSB  AR0011       ?            ?                   
WWPDB D_1000179232 ?            ?                   
# 
loop_
_pdbx_audit_revision_history.ordinal 
_pdbx_audit_revision_history.data_content_type 
_pdbx_audit_revision_history.major_revision 
_pdbx_audit_revision_history.minor_revision 
_pdbx_audit_revision_history.revision_date 
1 'Structure model' 1 0 1999-05-12 
2 'Structure model' 1 1 2008-05-22 
3 'Structure model' 1 2 2011-07-13 
4 'Structure model' 1 3 2024-02-28 
# 
_pdbx_audit_revision_details.ordinal             1 
_pdbx_audit_revision_details.revision_ordinal    1 
_pdbx_audit_revision_details.data_content_type   'Structure model' 
_pdbx_audit_revision_details.provider            repository 
_pdbx_audit_revision_details.type                'Initial release' 
_pdbx_audit_revision_details.description         ? 
_pdbx_audit_revision_details.details             ? 
# 
loop_
_pdbx_audit_revision_group.ordinal 
_pdbx_audit_revision_group.revision_ordinal 
_pdbx_audit_revision_group.data_content_type 
_pdbx_audit_revision_group.group 
1 2 'Structure model' 'Version format compliance' 
2 3 'Structure model' 'Version format compliance' 
3 4 'Structure model' 'Data collection'           
4 4 'Structure model' 'Database references'       
# 
loop_
_pdbx_audit_revision_category.ordinal 
_pdbx_audit_revision_category.revision_ordinal 
_pdbx_audit_revision_category.data_content_type 
_pdbx_audit_revision_category.category 
1 4 'Structure model' chem_comp_atom 
2 4 'Structure model' chem_comp_bond 
3 4 'Structure model' database_2     
# 
loop_
_pdbx_audit_revision_item.ordinal 
_pdbx_audit_revision_item.revision_ordinal 
_pdbx_audit_revision_item.data_content_type 
_pdbx_audit_revision_item.item 
1 4 'Structure model' '_database_2.pdbx_DOI'                
2 4 'Structure model' '_database_2.pdbx_database_accession' 
# 
_pdbx_database_status.status_code                     REL 
_pdbx_database_status.entry_id                        438D 
_pdbx_database_status.recvd_initial_deposition_date   1998-12-28 
_pdbx_database_status.deposit_site                    NDB 
_pdbx_database_status.process_site                    NDB 
_pdbx_database_status.status_code_sf                  REL 
_pdbx_database_status.status_code_mr                  ? 
_pdbx_database_status.SG_entry                        ? 
_pdbx_database_status.pdb_format_compatible           Y 
_pdbx_database_status.status_code_cs                  ? 
_pdbx_database_status.status_code_nmr_data            ? 
_pdbx_database_status.methods_development_category    ? 
# 
loop_
_audit_author.name 
_audit_author.pdbx_ordinal 
'Shi, K.'           1 
'Wahl, M.C.'        2 
'Sundaralingam, M.' 3 
# 
_citation.id                        primary 
_citation.title                     'Crystal structure of an RNA duplex r(G GCGC CC)2 with non-adjacent G*U base pairs.' 
_citation.journal_abbrev            'Nucleic Acids Res.' 
_citation.journal_volume            27 
_citation.page_first                2196 
_citation.page_last                 2201 
_citation.year                      1999 
_citation.journal_id_ASTM           NARHAD 
_citation.country                   UK 
_citation.journal_id_ISSN           0305-1048 
_citation.journal_id_CSD            0389 
_citation.book_publisher            ? 
_citation.pdbx_database_id_PubMed   10219093 
_citation.pdbx_database_id_DOI      10.1093/nar/27.10.2196 
# 
loop_
_citation_author.citation_id 
_citation_author.name 
_citation_author.ordinal 
_citation_author.identifier_ORCID 
primary 'Shi, K.'           1 ? 
primary 'Wahl, M.'          2 ? 
primary 'Sundaralingam, M.' 3 ? 
# 
loop_
_entity.id 
_entity.type 
_entity.src_method 
_entity.pdbx_description 
_entity.formula_weight 
_entity.pdbx_number_of_molecules 
_entity.pdbx_ec 
_entity.pdbx_mutation 
_entity.pdbx_fragment 
_entity.details 
1 polymer syn 
;RNA (5'-R(*GP*GP*GP*CP*GP*CP*UP*CP*C)-3')
;
2862.759 2  ? ? ? ? 
2 water   nat water                                       18.015   34 ? ? ? ? 
# 
_entity_poly.entity_id                      1 
_entity_poly.type                           polyribonucleotide 
_entity_poly.nstd_linkage                   no 
_entity_poly.nstd_monomer                   no 
_entity_poly.pdbx_seq_one_letter_code       GGGCGCUCC 
_entity_poly.pdbx_seq_one_letter_code_can   GGGCGCUCC 
_entity_poly.pdbx_strand_id                 A,B 
_entity_poly.pdbx_target_identifier         ? 
# 
_pdbx_entity_nonpoly.entity_id   2 
_pdbx_entity_nonpoly.name        water 
_pdbx_entity_nonpoly.comp_id     HOH 
# 
loop_
_entity_poly_seq.entity_id 
_entity_poly_seq.num 
_entity_poly_seq.mon_id 
_entity_poly_seq.hetero 
1 1 G n 
1 2 G n 
1 3 G n 
1 4 C n 
1 5 G n 
1 6 C n 
1 7 U n 
1 8 C n 
1 9 C n 
# 
loop_
_chem_comp.id 
_chem_comp.type 
_chem_comp.mon_nstd_flag 
_chem_comp.name 
_chem_comp.pdbx_synonyms 
_chem_comp.formula 
_chem_comp.formula_weight 
C   'RNA linking' y "CYTIDINE-5'-MONOPHOSPHATE"  ? 'C9 H14 N3 O8 P'  323.197 
G   'RNA linking' y "GUANOSINE-5'-MONOPHOSPHATE" ? 'C10 H14 N5 O8 P' 363.221 
HOH non-polymer   . WATER                        ? 'H2 O'            18.015  
U   'RNA linking' y "URIDINE-5'-MONOPHOSPHATE"   ? 'C9 H13 N2 O9 P'  324.181 
# 
loop_
_pdbx_poly_seq_scheme.asym_id 
_pdbx_poly_seq_scheme.entity_id 
_pdbx_poly_seq_scheme.seq_id 
_pdbx_poly_seq_scheme.mon_id 
_pdbx_poly_seq_scheme.ndb_seq_num 
_pdbx_poly_seq_scheme.pdb_seq_num 
_pdbx_poly_seq_scheme.auth_seq_num 
_pdbx_poly_seq_scheme.pdb_mon_id 
_pdbx_poly_seq_scheme.auth_mon_id 
_pdbx_poly_seq_scheme.pdb_strand_id 
_pdbx_poly_seq_scheme.pdb_ins_code 
_pdbx_poly_seq_scheme.hetero 
A 1 1 G 1 1  1  G G A . n 
A 1 2 G 2 2  2  G G A . n 
A 1 3 G 3 3  3  G G A . n 
A 1 4 C 4 4  4  C C A . n 
A 1 5 G 5 5  5  G G A . n 
A 1 6 C 6 6  6  C C A . n 
A 1 7 U 7 7  7  U U A . n 
A 1 8 C 8 8  8  C C A . n 
A 1 9 C 9 9  9  C C A . n 
B 1 1 G 1 10 10 G G B . n 
B 1 2 G 2 11 11 G G B . n 
B 1 3 G 3 12 12 G G B . n 
B 1 4 C 4 13 13 C C B . n 
B 1 5 G 5 14 14 G G B . n 
B 1 6 C 6 15 15 C C B . n 
B 1 7 U 7 16 16 U U B . n 
B 1 8 C 8 17 17 C C B . n 
B 1 9 C 9 18 18 C C B . n 
# 
loop_
_pdbx_nonpoly_scheme.asym_id 
_pdbx_nonpoly_scheme.entity_id 
_pdbx_nonpoly_scheme.mon_id 
_pdbx_nonpoly_scheme.ndb_seq_num 
_pdbx_nonpoly_scheme.pdb_seq_num 
_pdbx_nonpoly_scheme.auth_seq_num 
_pdbx_nonpoly_scheme.pdb_mon_id 
_pdbx_nonpoly_scheme.auth_mon_id 
_pdbx_nonpoly_scheme.pdb_strand_id 
_pdbx_nonpoly_scheme.pdb_ins_code 
C 2 HOH 1  101 101 HOH HOH A . 
C 2 HOH 2  102 102 HOH HOH A . 
C 2 HOH 3  103 103 HOH HOH A . 
C 2 HOH 4  104 104 HOH HOH A . 
C 2 HOH 5  110 110 HOH HOH A . 
C 2 HOH 6  112 112 HOH HOH A . 
C 2 HOH 7  113 113 HOH HOH A . 
C 2 HOH 8  114 114 HOH HOH A . 
C 2 HOH 9  115 115 HOH HOH A . 
C 2 HOH 10 119 119 HOH HOH A . 
C 2 HOH 11 121 121 HOH HOH A . 
C 2 HOH 12 122 122 HOH HOH A . 
C 2 HOH 13 124 124 HOH HOH A . 
C 2 HOH 14 125 125 HOH HOH A . 
C 2 HOH 15 126 126 HOH HOH A . 
C 2 HOH 16 127 127 HOH HOH A . 
C 2 HOH 17 201 201 HOH HOH A . 
C 2 HOH 18 203 203 HOH HOH A . 
C 2 HOH 19 205 205 HOH HOH A . 
D 2 HOH 1  105 105 HOH HOH B . 
D 2 HOH 2  106 106 HOH HOH B . 
D 2 HOH 3  107 107 HOH HOH B . 
D 2 HOH 4  108 108 HOH HOH B . 
D 2 HOH 5  109 109 HOH HOH B . 
D 2 HOH 6  111 111 HOH HOH B . 
D 2 HOH 7  116 116 HOH HOH B . 
D 2 HOH 8  117 117 HOH HOH B . 
D 2 HOH 9  118 118 HOH HOH B . 
D 2 HOH 10 120 120 HOH HOH B . 
D 2 HOH 11 123 123 HOH HOH B . 
D 2 HOH 12 128 128 HOH HOH B . 
D 2 HOH 13 129 129 HOH HOH B . 
D 2 HOH 14 130 130 HOH HOH B . 
D 2 HOH 15 202 202 HOH HOH B . 
# 
loop_
_pdbx_unobs_or_zero_occ_atoms.id 
_pdbx_unobs_or_zero_occ_atoms.PDB_model_num 
_pdbx_unobs_or_zero_occ_atoms.polymer_flag 
_pdbx_unobs_or_zero_occ_atoms.occupancy_flag 
_pdbx_unobs_or_zero_occ_atoms.auth_asym_id 
_pdbx_unobs_or_zero_occ_atoms.auth_comp_id 
_pdbx_unobs_or_zero_occ_atoms.auth_seq_id 
_pdbx_unobs_or_zero_occ_atoms.PDB_ins_code 
_pdbx_unobs_or_zero_occ_atoms.auth_atom_id 
_pdbx_unobs_or_zero_occ_atoms.label_alt_id 
_pdbx_unobs_or_zero_occ_atoms.label_asym_id 
_pdbx_unobs_or_zero_occ_atoms.label_comp_id 
_pdbx_unobs_or_zero_occ_atoms.label_seq_id 
_pdbx_unobs_or_zero_occ_atoms.label_atom_id 
1  1 Y 1 A C 9  ? "C5'" ? A C 9 "C5'" 
2  1 Y 1 A C 9  ? "C4'" ? A C 9 "C4'" 
3  1 Y 1 A C 9  ? "O4'" ? A C 9 "O4'" 
4  1 Y 1 A C 9  ? "C3'" ? A C 9 "C3'" 
5  1 Y 1 A C 9  ? "O3'" ? A C 9 "O3'" 
6  1 Y 1 A C 9  ? "C2'" ? A C 9 "C2'" 
7  1 Y 1 A C 9  ? "O2'" ? A C 9 "O2'" 
8  1 Y 1 A C 9  ? "C1'" ? A C 9 "C1'" 
9  1 Y 1 A C 9  ? N1    ? A C 9 N1    
10 1 Y 1 A C 9  ? C2    ? A C 9 C2    
11 1 Y 1 A C 9  ? O2    ? A C 9 O2    
12 1 Y 1 A C 9  ? N3    ? A C 9 N3    
13 1 Y 1 A C 9  ? C4    ? A C 9 C4    
14 1 Y 1 A C 9  ? N4    ? A C 9 N4    
15 1 Y 1 A C 9  ? C5    ? A C 9 C5    
16 1 Y 1 A C 9  ? C6    ? A C 9 C6    
17 1 Y 0 A C 9  ? OP1   ? A C 9 OP1   
18 1 Y 0 A C 9  ? OP2   ? A C 9 OP2   
19 1 Y 0 A C 9  ? "O5'" ? A C 9 "O5'" 
20 1 Y 1 B C 18 ? "C5'" ? B C 9 "C5'" 
21 1 Y 1 B C 18 ? "C4'" ? B C 9 "C4'" 
22 1 Y 1 B C 18 ? "O4'" ? B C 9 "O4'" 
23 1 Y 1 B C 18 ? "C3'" ? B C 9 "C3'" 
24 1 Y 1 B C 18 ? "O3'" ? B C 9 "O3'" 
25 1 Y 1 B C 18 ? "C2'" ? B C 9 "C2'" 
26 1 Y 1 B C 18 ? "O2'" ? B C 9 "O2'" 
27 1 Y 1 B C 18 ? "C1'" ? B C 9 "C1'" 
28 1 Y 1 B C 18 ? N1    ? B C 9 N1    
29 1 Y 1 B C 18 ? C2    ? B C 9 C2    
30 1 Y 1 B C 18 ? O2    ? B C 9 O2    
31 1 Y 1 B C 18 ? N3    ? B C 9 N3    
32 1 Y 1 B C 18 ? C4    ? B C 9 C4    
33 1 Y 1 B C 18 ? N4    ? B C 9 N4    
34 1 Y 1 B C 18 ? C5    ? B C 9 C5    
35 1 Y 1 B C 18 ? C6    ? B C 9 C6    
36 1 Y 0 B C 18 ? OP1   ? B C 9 OP1   
37 1 Y 0 B C 18 ? OP2   ? B C 9 OP2   
38 1 Y 0 B C 18 ? "O5'" ? B C 9 "O5'" 
# 
_software.name             X-PLOR 
_software.classification   refinement 
_software.version          3.1 
_software.citation_id      ? 
_software.pdbx_ordinal     1 
# 
_cell.entry_id           438D 
_cell.length_a           45.68 
_cell.length_b           45.68 
_cell.length_c           59.95 
_cell.angle_alpha        90.00 
_cell.angle_beta         90.00 
_cell.angle_gamma        120.00 
_cell.Z_PDB              18 
_cell.pdbx_unique_axis   ? 
# 
_symmetry.entry_id                         438D 
_symmetry.space_group_name_H-M             'H 3' 
_symmetry.pdbx_full_space_group_name_H-M   ? 
_symmetry.cell_setting                     hexagonal 
_symmetry.Int_Tables_number                146 
# 
_exptl.entry_id          438D 
_exptl.method            'X-RAY DIFFRACTION' 
_exptl.crystals_number   1 
# 
_exptl_crystal.id                    1 
_exptl_crystal.density_meas          ? 
_exptl_crystal.density_Matthews      2.10 
_exptl_crystal.density_percent_sol   41.50 
_exptl_crystal.description           ? 
# 
_diffrn.id                     1 
_diffrn.crystal_id             1 
_diffrn.ambient_temp           ? 
_diffrn.ambient_temp_details   ? 
# 
_diffrn_detector.diffrn_id              1 
_diffrn_detector.detector               'IMAGE PLATE' 
_diffrn_detector.type                   'RIGAKU RAXIS IIC' 
_diffrn_detector.pdbx_collection_date   ? 
_diffrn_detector.details                ? 
# 
_diffrn_radiation.diffrn_id                        1 
_diffrn_radiation.wavelength_id                    1 
_diffrn_radiation.pdbx_monochromatic_or_laue_m_l   M 
_diffrn_radiation.monochromator                    ? 
_diffrn_radiation.pdbx_diffrn_protocol             'SINGLE WAVELENGTH' 
_diffrn_radiation.pdbx_scattering_type             x-ray 
# 
_diffrn_radiation_wavelength.id           1 
_diffrn_radiation_wavelength.wavelength   1.5418 
_diffrn_radiation_wavelength.wt           1.0 
# 
_diffrn_source.diffrn_id                   1 
_diffrn_source.source                      'ROTATING ANODE' 
_diffrn_source.type                        RIGAKU 
_diffrn_source.pdbx_synchrotron_site       ? 
_diffrn_source.pdbx_synchrotron_beamline   ? 
_diffrn_source.pdbx_wavelength             1.5418 
_diffrn_source.pdbx_wavelength_list        ? 
# 
_reflns.entry_id                     438D 
_reflns.observed_criterion_sigma_I   ? 
_reflns.observed_criterion_sigma_F   2.0 
_reflns.d_resolution_low             10.0 
_reflns.d_resolution_high            2.50 
_reflns.number_obs                   1403 
_reflns.number_all                   1521 
_reflns.percent_possible_obs         83.8 
_reflns.pdbx_Rmerge_I_obs            0.0430000 
_reflns.pdbx_Rsym_value              ? 
_reflns.pdbx_netI_over_sigmaI        ? 
_reflns.B_iso_Wilson_estimate        ? 
_reflns.pdbx_redundancy              37 
_reflns.pdbx_diffrn_id               1 
_reflns.pdbx_ordinal                 1 
# 
_refine.entry_id                                 438D 
_refine.ls_number_reflns_obs                     1403 
_refine.ls_number_reflns_all                     1521 
_refine.pdbx_ls_sigma_I                          ? 
_refine.pdbx_ls_sigma_F                          2.0 
_refine.pdbx_data_cutoff_high_absF               ? 
_refine.pdbx_data_cutoff_low_absF                ? 
_refine.pdbx_data_cutoff_high_rms_absF           ? 
_refine.ls_d_res_low                             10.0 
_refine.ls_d_res_high                            2.50 
_refine.ls_percent_reflns_obs                    83.8 
_refine.ls_R_factor_obs                          0.1860000 
_refine.ls_R_factor_all                          ? 
_refine.ls_R_factor_R_work                       0.1860000 
_refine.ls_R_factor_R_free                       0.2400000 
_refine.ls_R_factor_R_free_error                 ? 
_refine.ls_R_factor_R_free_error_details         ? 
_refine.ls_percent_reflns_R_free                 ? 
_refine.ls_number_reflns_R_free                  ? 
_refine.ls_number_parameters                     ? 
_refine.ls_number_restraints                     ? 
_refine.occupancy_min                            ? 
_refine.occupancy_max                            ? 
_refine.B_iso_mean                               ? 
_refine.aniso_B[1][1]                            ? 
_refine.aniso_B[2][2]                            ? 
_refine.aniso_B[3][3]                            ? 
_refine.aniso_B[1][2]                            ? 
_refine.aniso_B[1][3]                            ? 
_refine.aniso_B[2][3]                            ? 
_refine.solvent_model_details                    ? 
_refine.solvent_model_param_ksol                 ? 
_refine.solvent_model_param_bsol                 ? 
_refine.pdbx_ls_cross_valid_method               THROUGHOUT 
_refine.details                                  ? 
_refine.pdbx_starting_model                      ? 
_refine.pdbx_method_to_determine_struct          ? 
_refine.pdbx_isotropic_thermal_model             ? 
_refine.pdbx_stereochemistry_target_values       ? 
_refine.pdbx_stereochem_target_val_spec_case     ? 
_refine.pdbx_R_Free_selection_details            RANDOM 
_refine.pdbx_overall_ESU_R                       ? 
_refine.pdbx_overall_ESU_R_Free                  ? 
_refine.overall_SU_ML                            ? 
_refine.overall_SU_B                             ? 
_refine.pdbx_refine_id                           'X-RAY DIFFRACTION' 
_refine.pdbx_diffrn_id                           1 
_refine.pdbx_TLS_residual_ADP_flag               ? 
_refine.correlation_coeff_Fo_to_Fc               ? 
_refine.correlation_coeff_Fo_to_Fc_free          ? 
_refine.pdbx_solvent_vdw_probe_radii             ? 
_refine.pdbx_solvent_ion_probe_radii             ? 
_refine.pdbx_solvent_shrinkage_radii             ? 
_refine.pdbx_overall_phase_error                 ? 
_refine.overall_SU_R_Cruickshank_DPI             ? 
_refine.pdbx_overall_SU_R_free_Cruickshank_DPI   ? 
_refine.pdbx_overall_SU_R_Blow_DPI               ? 
_refine.pdbx_overall_SU_R_free_Blow_DPI          ? 
# 
_refine_hist.pdbx_refine_id                   'X-RAY DIFFRACTION' 
_refine_hist.cycle_id                         LAST 
_refine_hist.pdbx_number_atoms_protein        0 
_refine_hist.pdbx_number_atoms_nucleic_acid   346 
_refine_hist.pdbx_number_atoms_ligand         0 
_refine_hist.number_atoms_solvent             34 
_refine_hist.number_atoms_total               380 
_refine_hist.d_res_high                       2.50 
_refine_hist.d_res_low                        10.0 
# 
_struct.entry_id                  438D 
_struct.title                     'STRUCTURE OF AN RNA DUPLEX R(GGGCGCUCC)2 WITH NON-ADJACENT G.U BASE PAIRS' 
_struct.pdbx_model_details        ? 
_struct.pdbx_CASP_flag            ? 
_struct.pdbx_model_type_details   ? 
# 
_struct_keywords.entry_id        438D 
_struct_keywords.pdbx_keywords   RNA 
_struct_keywords.text            'A-RNA, DOUBLE HELIX, MISMATCHED, RNA' 
# 
loop_
_struct_asym.id 
_struct_asym.pdbx_blank_PDB_chainid_flag 
_struct_asym.pdbx_modified 
_struct_asym.entity_id 
_struct_asym.details 
A N N 1 ? 
B N N 1 ? 
C N N 2 ? 
D N N 2 ? 
# 
_struct_ref.id                         1 
_struct_ref.entity_id                  1 
_struct_ref.db_name                    PDB 
_struct_ref.db_code                    438D 
_struct_ref.pdbx_db_accession          438D 
_struct_ref.pdbx_db_isoform            ? 
_struct_ref.pdbx_seq_one_letter_code   ? 
_struct_ref.pdbx_align_begin           ? 
# 
loop_
_struct_ref_seq.align_id 
_struct_ref_seq.ref_id 
_struct_ref_seq.pdbx_PDB_id_code 
_struct_ref_seq.pdbx_strand_id 
_struct_ref_seq.seq_align_beg 
_struct_ref_seq.pdbx_seq_align_beg_ins_code 
_struct_ref_seq.seq_align_end 
_struct_ref_seq.pdbx_seq_align_end_ins_code 
_struct_ref_seq.pdbx_db_accession 
_struct_ref_seq.db_align_beg 
_struct_ref_seq.pdbx_db_align_beg_ins_code 
_struct_ref_seq.db_align_end 
_struct_ref_seq.pdbx_db_align_end_ins_code 
_struct_ref_seq.pdbx_auth_seq_align_beg 
_struct_ref_seq.pdbx_auth_seq_align_end 
1 1 438D A 1 ? 9 ? 438D 1  ? 9  ? 1  9  
2 1 438D B 1 ? 9 ? 438D 10 ? 18 ? 10 18 
# 
_pdbx_struct_assembly.id                   1 
_pdbx_struct_assembly.details              author_defined_assembly 
_pdbx_struct_assembly.method_details       ? 
_pdbx_struct_assembly.oligomeric_details   dimeric 
_pdbx_struct_assembly.oligomeric_count     2 
# 
_pdbx_struct_assembly_gen.assembly_id       1 
_pdbx_struct_assembly_gen.oper_expression   1 
_pdbx_struct_assembly_gen.asym_id_list      A,B,C,D 
# 
_pdbx_struct_oper_list.id                   1 
_pdbx_struct_oper_list.type                 'identity operation' 
_pdbx_struct_oper_list.name                 1_555 
_pdbx_struct_oper_list.symmetry_operation   x,y,z 
_pdbx_struct_oper_list.matrix[1][1]         1.0000000000 
_pdbx_struct_oper_list.matrix[1][2]         0.0000000000 
_pdbx_struct_oper_list.matrix[1][3]         0.0000000000 
_pdbx_struct_oper_list.vector[1]            0.0000000000 
_pdbx_struct_oper_list.matrix[2][1]         0.0000000000 
_pdbx_struct_oper_list.matrix[2][2]         1.0000000000 
_pdbx_struct_oper_list.matrix[2][3]         0.0000000000 
_pdbx_struct_oper_list.vector[2]            0.0000000000 
_pdbx_struct_oper_list.matrix[3][1]         0.0000000000 
_pdbx_struct_oper_list.matrix[3][2]         0.0000000000 
_pdbx_struct_oper_list.matrix[3][3]         1.0000000000 
_pdbx_struct_oper_list.vector[3]            0.0000000000 
# 
_struct_biol.id   1 
# 
loop_
_struct_conn.id 
_struct_conn.conn_type_id 
_struct_conn.pdbx_leaving_atom_flag 
_struct_conn.pdbx_PDB_id 
_struct_conn.ptnr1_label_asym_id 
_struct_conn.ptnr1_label_comp_id 
_struct_conn.ptnr1_label_seq_id 
_struct_conn.ptnr1_label_atom_id 
_struct_conn.pdbx_ptnr1_label_alt_id 
_struct_conn.pdbx_ptnr1_PDB_ins_code 
_struct_conn.pdbx_ptnr1_standard_comp_id 
_struct_conn.ptnr1_symmetry 
_struct_conn.ptnr2_label_asym_id 
_struct_conn.ptnr2_label_comp_id 
_struct_conn.ptnr2_label_seq_id 
_struct_conn.ptnr2_label_atom_id 
_struct_conn.pdbx_ptnr2_label_alt_id 
_struct_conn.pdbx_ptnr2_PDB_ins_code 
_struct_conn.ptnr1_auth_asym_id 
_struct_conn.ptnr1_auth_comp_id 
_struct_conn.ptnr1_auth_seq_id 
_struct_conn.ptnr2_auth_asym_id 
_struct_conn.ptnr2_auth_comp_id 
_struct_conn.ptnr2_auth_seq_id 
_struct_conn.ptnr2_symmetry 
_struct_conn.pdbx_ptnr3_label_atom_id 
_struct_conn.pdbx_ptnr3_label_seq_id 
_struct_conn.pdbx_ptnr3_label_comp_id 
_struct_conn.pdbx_ptnr3_label_asym_id 
_struct_conn.pdbx_ptnr3_label_alt_id 
_struct_conn.pdbx_ptnr3_PDB_ins_code 
_struct_conn.details 
_struct_conn.pdbx_dist_value 
_struct_conn.pdbx_value_order 
_struct_conn.pdbx_role 
hydrog1  hydrog ? ? A G 1 N1 ? ? ? 1_555 B C 8 N3 ? ? A G 1 B C 17 1_555 ? ? ? ? ? ? WATSON-CRICK ? ? ? 
hydrog2  hydrog ? ? A G 1 N2 ? ? ? 1_555 B C 8 O2 ? ? A G 1 B C 17 1_555 ? ? ? ? ? ? WATSON-CRICK ? ? ? 
hydrog3  hydrog ? ? A G 1 O6 ? ? ? 1_555 B C 8 N4 ? ? A G 1 B C 17 1_555 ? ? ? ? ? ? WATSON-CRICK ? ? ? 
hydrog4  hydrog ? ? A G 2 N1 ? ? ? 1_555 B U 7 O2 ? ? A G 2 B U 16 1_555 ? ? ? ? ? ? TYPE_28_PAIR ? ? ? 
hydrog5  hydrog ? ? A G 2 O6 ? ? ? 1_555 B U 7 N3 ? ? A G 2 B U 16 1_555 ? ? ? ? ? ? TYPE_28_PAIR ? ? ? 
hydrog6  hydrog ? ? A G 3 N1 ? ? ? 1_555 B C 6 N3 ? ? A G 3 B C 15 1_555 ? ? ? ? ? ? 'G-C PAIR'   ? ? ? 
hydrog7  hydrog ? ? A C 4 N3 ? ? ? 1_555 B G 5 N1 ? ? A C 4 B G 14 1_555 ? ? ? ? ? ? WATSON-CRICK ? ? ? 
hydrog8  hydrog ? ? A C 4 N4 ? ? ? 1_555 B G 5 O6 ? ? A C 4 B G 14 1_555 ? ? ? ? ? ? WATSON-CRICK ? ? ? 
hydrog9  hydrog ? ? A C 4 O2 ? ? ? 1_555 B G 5 N2 ? ? A C 4 B G 14 1_555 ? ? ? ? ? ? WATSON-CRICK ? ? ? 
hydrog10 hydrog ? ? A G 5 N1 ? ? ? 1_555 B C 4 N3 ? ? A G 5 B C 13 1_555 ? ? ? ? ? ? WATSON-CRICK ? ? ? 
hydrog11 hydrog ? ? A G 5 N2 ? ? ? 1_555 B C 4 O2 ? ? A G 5 B C 13 1_555 ? ? ? ? ? ? WATSON-CRICK ? ? ? 
hydrog12 hydrog ? ? A G 5 O6 ? ? ? 1_555 B C 4 N4 ? ? A G 5 B C 13 1_555 ? ? ? ? ? ? WATSON-CRICK ? ? ? 
hydrog13 hydrog ? ? A C 6 N3 ? ? ? 1_555 B G 3 N1 ? ? A C 6 B G 12 1_555 ? ? ? ? ? ? WATSON-CRICK ? ? ? 
hydrog14 hydrog ? ? A C 6 N4 ? ? ? 1_555 B G 3 O6 ? ? A C 6 B G 12 1_555 ? ? ? ? ? ? WATSON-CRICK ? ? ? 
hydrog15 hydrog ? ? A C 6 O2 ? ? ? 1_555 B G 3 N2 ? ? A C 6 B G 12 1_555 ? ? ? ? ? ? WATSON-CRICK ? ? ? 
hydrog16 hydrog ? ? A U 7 N3 ? ? ? 1_555 B G 2 O6 ? ? A U 7 B G 11 1_555 ? ? ? ? ? ? TYPE_28_PAIR ? ? ? 
hydrog17 hydrog ? ? A U 7 O2 ? ? ? 1_555 B G 2 N1 ? ? A U 7 B G 11 1_555 ? ? ? ? ? ? TYPE_28_PAIR ? ? ? 
hydrog18 hydrog ? ? A C 8 N3 ? ? ? 1_555 B G 1 N1 ? ? A C 8 B G 10 1_555 ? ? ? ? ? ? WATSON-CRICK ? ? ? 
hydrog19 hydrog ? ? A C 8 N4 ? ? ? 1_555 B G 1 O6 ? ? A C 8 B G 10 1_555 ? ? ? ? ? ? WATSON-CRICK ? ? ? 
hydrog20 hydrog ? ? A C 8 O2 ? ? ? 1_555 B G 1 N2 ? ? A C 8 B G 10 1_555 ? ? ? ? ? ? WATSON-CRICK ? ? ? 
# 
_struct_conn_type.id          hydrog 
_struct_conn_type.criteria    ? 
_struct_conn_type.reference   ? 
# 
_pdbx_validate_rmsd_bond.id                        1 
_pdbx_validate_rmsd_bond.PDB_model_num             1 
_pdbx_validate_rmsd_bond.auth_atom_id_1            C5 
_pdbx_validate_rmsd_bond.auth_asym_id_1            A 
_pdbx_validate_rmsd_bond.auth_comp_id_1            G 
_pdbx_validate_rmsd_bond.auth_seq_id_1             3 
_pdbx_validate_rmsd_bond.PDB_ins_code_1            ? 
_pdbx_validate_rmsd_bond.label_alt_id_1            ? 
_pdbx_validate_rmsd_bond.auth_atom_id_2            C6 
_pdbx_validate_rmsd_bond.auth_asym_id_2            A 
_pdbx_validate_rmsd_bond.auth_comp_id_2            G 
_pdbx_validate_rmsd_bond.auth_seq_id_2             3 
_pdbx_validate_rmsd_bond.PDB_ins_code_2            ? 
_pdbx_validate_rmsd_bond.label_alt_id_2            ? 
_pdbx_validate_rmsd_bond.bond_value                1.357 
_pdbx_validate_rmsd_bond.bond_target_value         1.419 
_pdbx_validate_rmsd_bond.bond_deviation            -0.062 
_pdbx_validate_rmsd_bond.bond_standard_deviation   0.010 
_pdbx_validate_rmsd_bond.linker_flag               N 
# 
_pdbx_validate_planes.id              1 
_pdbx_validate_planes.PDB_model_num   1 
_pdbx_validate_planes.auth_comp_id    C 
_pdbx_validate_planes.auth_asym_id    B 
_pdbx_validate_planes.auth_seq_id     15 
_pdbx_validate_planes.PDB_ins_code    ? 
_pdbx_validate_planes.label_alt_id    ? 
_pdbx_validate_planes.rmsd            0.061 
_pdbx_validate_planes.type            'SIDE CHAIN' 
# 
loop_
_pdbx_struct_special_symmetry.id 
_pdbx_struct_special_symmetry.PDB_model_num 
_pdbx_struct_special_symmetry.auth_asym_id 
_pdbx_struct_special_symmetry.auth_comp_id 
_pdbx_struct_special_symmetry.auth_seq_id 
_pdbx_struct_special_symmetry.PDB_ins_code 
_pdbx_struct_special_symmetry.label_asym_id 
_pdbx_struct_special_symmetry.label_comp_id 
_pdbx_struct_special_symmetry.label_seq_id 
1 1 A HOH 201 ? C HOH . 
2 1 A HOH 203 ? C HOH . 
3 1 A HOH 205 ? C HOH . 
4 1 B HOH 202 ? D HOH . 
# 
loop_
_chem_comp_atom.comp_id 
_chem_comp_atom.atom_id 
_chem_comp_atom.type_symbol 
_chem_comp_atom.pdbx_aromatic_flag 
_chem_comp_atom.pdbx_stereo_config 
_chem_comp_atom.pdbx_ordinal 
C   OP3    O N N 1   
C   P      P N N 2   
C   OP1    O N N 3   
C   OP2    O N N 4   
C   "O5'"  O N N 5   
C   "C5'"  C N N 6   
C   "C4'"  C N R 7   
C   "O4'"  O N N 8   
C   "C3'"  C N S 9   
C   "O3'"  O N N 10  
C   "C2'"  C N R 11  
C   "O2'"  O N N 12  
C   "C1'"  C N R 13  
C   N1     N N N 14  
C   C2     C N N 15  
C   O2     O N N 16  
C   N3     N N N 17  
C   C4     C N N 18  
C   N4     N N N 19  
C   C5     C N N 20  
C   C6     C N N 21  
C   HOP3   H N N 22  
C   HOP2   H N N 23  
C   "H5'"  H N N 24  
C   "H5''" H N N 25  
C   "H4'"  H N N 26  
C   "H3'"  H N N 27  
C   "HO3'" H N N 28  
C   "H2'"  H N N 29  
C   "HO2'" H N N 30  
C   "H1'"  H N N 31  
C   H41    H N N 32  
C   H42    H N N 33  
C   H5     H N N 34  
C   H6     H N N 35  
G   OP3    O N N 36  
G   P      P N N 37  
G   OP1    O N N 38  
G   OP2    O N N 39  
G   "O5'"  O N N 40  
G   "C5'"  C N N 41  
G   "C4'"  C N R 42  
G   "O4'"  O N N 43  
G   "C3'"  C N S 44  
G   "O3'"  O N N 45  
G   "C2'"  C N R 46  
G   "O2'"  O N N 47  
G   "C1'"  C N R 48  
G   N9     N Y N 49  
G   C8     C Y N 50  
G   N7     N Y N 51  
G   C5     C Y N 52  
G   C6     C N N 53  
G   O6     O N N 54  
G   N1     N N N 55  
G   C2     C N N 56  
G   N2     N N N 57  
G   N3     N N N 58  
G   C4     C Y N 59  
G   HOP3   H N N 60  
G   HOP2   H N N 61  
G   "H5'"  H N N 62  
G   "H5''" H N N 63  
G   "H4'"  H N N 64  
G   "H3'"  H N N 65  
G   "HO3'" H N N 66  
G   "H2'"  H N N 67  
G   "HO2'" H N N 68  
G   "H1'"  H N N 69  
G   H8     H N N 70  
G   H1     H N N 71  
G   H21    H N N 72  
G   H22    H N N 73  
HOH O      O N N 74  
HOH H1     H N N 75  
HOH H2     H N N 76  
U   OP3    O N N 77  
U   P      P N N 78  
U   OP1    O N N 79  
U   OP2    O N N 80  
U   "O5'"  O N N 81  
U   "C5'"  C N N 82  
U   "C4'"  C N R 83  
U   "O4'"  O N N 84  
U   "C3'"  C N S 85  
U   "O3'"  O N N 86  
U   "C2'"  C N R 87  
U   "O2'"  O N N 88  
U   "C1'"  C N R 89  
U   N1     N N N 90  
U   C2     C N N 91  
U   O2     O N N 92  
U   N3     N N N 93  
U   C4     C N N 94  
U   O4     O N N 95  
U   C5     C N N 96  
U   C6     C N N 97  
U   HOP3   H N N 98  
U   HOP2   H N N 99  
U   "H5'"  H N N 100 
U   "H5''" H N N 101 
U   "H4'"  H N N 102 
U   "H3'"  H N N 103 
U   "HO3'" H N N 104 
U   "H2'"  H N N 105 
U   "HO2'" H N N 106 
U   "H1'"  H N N 107 
U   H3     H N N 108 
U   H5     H N N 109 
U   H6     H N N 110 
# 
loop_
_chem_comp_bond.comp_id 
_chem_comp_bond.atom_id_1 
_chem_comp_bond.atom_id_2 
_chem_comp_bond.value_order 
_chem_comp_bond.pdbx_aromatic_flag 
_chem_comp_bond.pdbx_stereo_config 
_chem_comp_bond.pdbx_ordinal 
C   OP3   P      sing N N 1   
C   OP3   HOP3   sing N N 2   
C   P     OP1    doub N N 3   
C   P     OP2    sing N N 4   
C   P     "O5'"  sing N N 5   
C   OP2   HOP2   sing N N 6   
C   "O5'" "C5'"  sing N N 7   
C   "C5'" "C4'"  sing N N 8   
C   "C5'" "H5'"  sing N N 9   
C   "C5'" "H5''" sing N N 10  
C   "C4'" "O4'"  sing N N 11  
C   "C4'" "C3'"  sing N N 12  
C   "C4'" "H4'"  sing N N 13  
C   "O4'" "C1'"  sing N N 14  
C   "C3'" "O3'"  sing N N 15  
C   "C3'" "C2'"  sing N N 16  
C   "C3'" "H3'"  sing N N 17  
C   "O3'" "HO3'" sing N N 18  
C   "C2'" "O2'"  sing N N 19  
C   "C2'" "C1'"  sing N N 20  
C   "C2'" "H2'"  sing N N 21  
C   "O2'" "HO2'" sing N N 22  
C   "C1'" N1     sing N N 23  
C   "C1'" "H1'"  sing N N 24  
C   N1    C2     sing N N 25  
C   N1    C6     sing N N 26  
C   C2    O2     doub N N 27  
C   C2    N3     sing N N 28  
C   N3    C4     doub N N 29  
C   C4    N4     sing N N 30  
C   C4    C5     sing N N 31  
C   N4    H41    sing N N 32  
C   N4    H42    sing N N 33  
C   C5    C6     doub N N 34  
C   C5    H5     sing N N 35  
C   C6    H6     sing N N 36  
G   OP3   P      sing N N 37  
G   OP3   HOP3   sing N N 38  
G   P     OP1    doub N N 39  
G   P     OP2    sing N N 40  
G   P     "O5'"  sing N N 41  
G   OP2   HOP2   sing N N 42  
G   "O5'" "C5'"  sing N N 43  
G   "C5'" "C4'"  sing N N 44  
G   "C5'" "H5'"  sing N N 45  
G   "C5'" "H5''" sing N N 46  
G   "C4'" "O4'"  sing N N 47  
G   "C4'" "C3'"  sing N N 48  
G   "C4'" "H4'"  sing N N 49  
G   "O4'" "C1'"  sing N N 50  
G   "C3'" "O3'"  sing N N 51  
G   "C3'" "C2'"  sing N N 52  
G   "C3'" "H3'"  sing N N 53  
G   "O3'" "HO3'" sing N N 54  
G   "C2'" "O2'"  sing N N 55  
G   "C2'" "C1'"  sing N N 56  
G   "C2'" "H2'"  sing N N 57  
G   "O2'" "HO2'" sing N N 58  
G   "C1'" N9     sing N N 59  
G   "C1'" "H1'"  sing N N 60  
G   N9    C8     sing Y N 61  
G   N9    C4     sing Y N 62  
G   C8    N7     doub Y N 63  
G   C8    H8     sing N N 64  
G   N7    C5     sing Y N 65  
G   C5    C6     sing N N 66  
G   C5    C4     doub Y N 67  
G   C6    O6     doub N N 68  
G   C6    N1     sing N N 69  
G   N1    C2     sing N N 70  
G   N1    H1     sing N N 71  
G   C2    N2     sing N N 72  
G   C2    N3     doub N N 73  
G   N2    H21    sing N N 74  
G   N2    H22    sing N N 75  
G   N3    C4     sing N N 76  
HOH O     H1     sing N N 77  
HOH O     H2     sing N N 78  
U   OP3   P      sing N N 79  
U   OP3   HOP3   sing N N 80  
U   P     OP1    doub N N 81  
U   P     OP2    sing N N 82  
U   P     "O5'"  sing N N 83  
U   OP2   HOP2   sing N N 84  
U   "O5'" "C5'"  sing N N 85  
U   "C5'" "C4'"  sing N N 86  
U   "C5'" "H5'"  sing N N 87  
U   "C5'" "H5''" sing N N 88  
U   "C4'" "O4'"  sing N N 89  
U   "C4'" "C3'"  sing N N 90  
U   "C4'" "H4'"  sing N N 91  
U   "O4'" "C1'"  sing N N 92  
U   "C3'" "O3'"  sing N N 93  
U   "C3'" "C2'"  sing N N 94  
U   "C3'" "H3'"  sing N N 95  
U   "O3'" "HO3'" sing N N 96  
U   "C2'" "O2'"  sing N N 97  
U   "C2'" "C1'"  sing N N 98  
U   "C2'" "H2'"  sing N N 99  
U   "O2'" "HO2'" sing N N 100 
U   "C1'" N1     sing N N 101 
U   "C1'" "H1'"  sing N N 102 
U   N1    C2     sing N N 103 
U   N1    C6     sing N N 104 
U   C2    O2     doub N N 105 
U   C2    N3     sing N N 106 
U   N3    C4     sing N N 107 
U   N3    H3     sing N N 108 
U   C4    O4     doub N N 109 
U   C4    C5     sing N N 110 
U   C5    C6     doub N N 111 
U   C5    H5     sing N N 112 
U   C6    H6     sing N N 113 
# 
loop_
_ndb_struct_conf_na.entry_id 
_ndb_struct_conf_na.feature 
438D 'a-form double helix'  
438D 'mismatched base pair' 
# 
loop_
_ndb_struct_na_base_pair.model_number 
_ndb_struct_na_base_pair.i_label_asym_id 
_ndb_struct_na_base_pair.i_label_comp_id 
_ndb_struct_na_base_pair.i_label_seq_id 
_ndb_struct_na_base_pair.i_symmetry 
_ndb_struct_na_base_pair.j_label_asym_id 
_ndb_struct_na_base_pair.j_label_comp_id 
_ndb_struct_na_base_pair.j_label_seq_id 
_ndb_struct_na_base_pair.j_symmetry 
_ndb_struct_na_base_pair.shear 
_ndb_struct_na_base_pair.stretch 
_ndb_struct_na_base_pair.stagger 
_ndb_struct_na_base_pair.buckle 
_ndb_struct_na_base_pair.propeller 
_ndb_struct_na_base_pair.opening 
_ndb_struct_na_base_pair.pair_number 
_ndb_struct_na_base_pair.pair_name 
_ndb_struct_na_base_pair.i_auth_asym_id 
_ndb_struct_na_base_pair.i_auth_seq_id 
_ndb_struct_na_base_pair.i_PDB_ins_code 
_ndb_struct_na_base_pair.j_auth_asym_id 
_ndb_struct_na_base_pair.j_auth_seq_id 
_ndb_struct_na_base_pair.j_PDB_ins_code 
_ndb_struct_na_base_pair.hbond_type_28 
_ndb_struct_na_base_pair.hbond_type_12 
1 A G 1 1_555 B C 8 1_555 -0.309 -0.397 0.360  2.237  -10.793 0.549  1 A_G1:C17_B A 1 ? B 17 ? 19 1 
1 A G 2 1_555 B U 7 1_555 -2.237 -0.576 0.432  5.547  -17.948 -1.165 2 A_G2:U16_B A 2 ? B 16 ? 28 ? 
1 A G 3 1_555 B C 6 1_555 -0.011 0.045  0.910  7.931  -16.257 5.587  3 A_G3:C15_B A 3 ? B 15 ? ?  1 
1 A C 4 1_555 B G 5 1_555 -0.014 -0.218 -0.118 5.101  -17.511 0.005  4 A_C4:G14_B A 4 ? B 14 ? 19 1 
1 A G 5 1_555 B C 4 1_555 -0.164 -0.242 0.120  -7.503 -15.725 1.236  5 A_G5:C13_B A 5 ? B 13 ? 19 1 
1 A C 6 1_555 B G 3 1_555 0.608  -0.538 0.209  -8.876 -13.067 -1.099 6 A_C6:G12_B A 6 ? B 12 ? 19 1 
1 A U 7 1_555 B G 2 1_555 2.617  -0.866 0.333  -3.665 -19.935 -0.517 7 A_U7:G11_B A 7 ? B 11 ? 28 ? 
1 A C 8 1_555 B G 1 1_555 0.548  -0.151 0.001  9.074  -13.056 0.575  8 A_C8:G10_B A 8 ? B 10 ? 19 1 
# 
loop_
_ndb_struct_na_base_pair_step.model_number 
_ndb_struct_na_base_pair_step.i_label_asym_id_1 
_ndb_struct_na_base_pair_step.i_label_comp_id_1 
_ndb_struct_na_base_pair_step.i_label_seq_id_1 
_ndb_struct_na_base_pair_step.i_symmetry_1 
_ndb_struct_na_base_pair_step.j_label_asym_id_1 
_ndb_struct_na_base_pair_step.j_label_comp_id_1 
_ndb_struct_na_base_pair_step.j_label_seq_id_1 
_ndb_struct_na_base_pair_step.j_symmetry_1 
_ndb_struct_na_base_pair_step.i_label_asym_id_2 
_ndb_struct_na_base_pair_step.i_label_comp_id_2 
_ndb_struct_na_base_pair_step.i_label_seq_id_2 
_ndb_struct_na_base_pair_step.i_symmetry_2 
_ndb_struct_na_base_pair_step.j_label_asym_id_2 
_ndb_struct_na_base_pair_step.j_label_comp_id_2 
_ndb_struct_na_base_pair_step.j_label_seq_id_2 
_ndb_struct_na_base_pair_step.j_symmetry_2 
_ndb_struct_na_base_pair_step.shift 
_ndb_struct_na_base_pair_step.slide 
_ndb_struct_na_base_pair_step.rise 
_ndb_struct_na_base_pair_step.tilt 
_ndb_struct_na_base_pair_step.roll 
_ndb_struct_na_base_pair_step.twist 
_ndb_struct_na_base_pair_step.x_displacement 
_ndb_struct_na_base_pair_step.y_displacement 
_ndb_struct_na_base_pair_step.helical_rise 
_ndb_struct_na_base_pair_step.inclination 
_ndb_struct_na_base_pair_step.tip 
_ndb_struct_na_base_pair_step.helical_twist 
_ndb_struct_na_base_pair_step.step_number 
_ndb_struct_na_base_pair_step.step_name 
_ndb_struct_na_base_pair_step.i_auth_asym_id_1 
_ndb_struct_na_base_pair_step.i_auth_seq_id_1 
_ndb_struct_na_base_pair_step.i_PDB_ins_code_1 
_ndb_struct_na_base_pair_step.j_auth_asym_id_1 
_ndb_struct_na_base_pair_step.j_auth_seq_id_1 
_ndb_struct_na_base_pair_step.j_PDB_ins_code_1 
_ndb_struct_na_base_pair_step.i_auth_asym_id_2 
_ndb_struct_na_base_pair_step.i_auth_seq_id_2 
_ndb_struct_na_base_pair_step.i_PDB_ins_code_2 
_ndb_struct_na_base_pair_step.j_auth_asym_id_2 
_ndb_struct_na_base_pair_step.j_auth_seq_id_2 
_ndb_struct_na_base_pair_step.j_PDB_ins_code_2 
1 A G 1 1_555 B C 8 1_555 A G 2 1_555 B U 7 1_555 0.119  -1.986 3.025 -3.137 8.556  26.578 -5.770 -0.860 2.260 17.953 6.581   
28.070 1 AA_G1G2:U16C17_BB A 1 ? B 17 ? A 2 ? B 16 ? 
1 A G 2 1_555 B U 7 1_555 A G 3 1_555 B C 6 1_555 0.051  -1.441 3.085 -5.462 8.655  42.349 -2.698 -0.545 2.727 11.776 7.431   
43.513 2 AA_G2G3:C15U16_BB A 2 ? B 16 ? A 3 ? B 15 ? 
1 A G 3 1_555 B C 6 1_555 A C 4 1_555 B G 5 1_555 -0.261 -1.474 3.328 9.164  12.999 31.416 -4.243 1.703  2.388 22.306 -15.726 
35.122 3 AA_G3C4:G14C15_BB A 3 ? B 15 ? A 4 ? B 14 ? 
1 A C 4 1_555 B G 5 1_555 A G 5 1_555 B C 4 1_555 0.571  -1.767 3.529 -1.124 15.797 31.383 -5.200 -1.109 2.375 27.147 1.932   
35.063 4 AA_C4G5:C13G14_BB A 4 ? B 14 ? A 5 ? B 13 ? 
1 A G 5 1_555 B C 4 1_555 A C 6 1_555 B G 3 1_555 -0.411 -1.553 3.402 -2.347 3.497  35.114 -3.085 0.323  3.257 5.771  3.872   
35.357 5 AA_G5C6:G12C13_BB A 5 ? B 13 ? A 6 ? B 12 ? 
1 A C 6 1_555 B G 3 1_555 A U 7 1_555 B G 2 1_555 -0.117 -1.292 3.166 1.209  5.655  39.635 -2.497 0.301  2.957 8.286  -1.771  
40.038 6 AA_C6U7:G11G12_BB A 6 ? B 12 ? A 7 ? B 11 ? 
1 A U 7 1_555 B G 2 1_555 A C 8 1_555 B G 1 1_555 0.106  -1.433 2.886 6.430  2.412  27.554 -3.406 1.069  2.708 4.967  -13.241 
28.381 7 AA_U7C8:G10G11_BB A 7 ? B 11 ? A 8 ? B 10 ? 
# 
_atom_sites.entry_id                    438D 
_atom_sites.fract_transf_matrix[1][1]   0.00264580 
_atom_sites.fract_transf_matrix[1][2]   0.02428778 
_atom_sites.fract_transf_matrix[1][3]   0.00648567 
_atom_sites.fract_transf_matrix[2][1]   -0.01923501 
_atom_sites.fract_transf_matrix[2][2]   0.01609360 
_atom_sites.fract_transf_matrix[2][3]   -0.00316037 
_atom_sites.fract_transf_matrix[3][1]   -0.00546033 
_atom_sites.fract_transf_matrix[3][2]   -0.00350857 
_atom_sites.fract_transf_matrix[3][3]   0.01536654 
_atom_sites.fract_transf_vector[1]      0.872719 
_atom_sites.fract_transf_vector[2]      0.272509 
_atom_sites.fract_transf_vector[3]      -0.016136 
# 
loop_
_atom_type.symbol 
C 
N 
O 
P 
# 
loop_
_atom_site.group_PDB 
_atom_site.id 
_atom_site.type_symbol 
_atom_site.label_atom_id 
_atom_site.label_alt_id 
_atom_site.label_comp_id 
_atom_site.label_asym_id 
_atom_site.label_entity_id 
_atom_site.label_seq_id 
_atom_site.pdbx_PDB_ins_code 
_atom_site.Cartn_x 
_atom_site.Cartn_y 
_atom_site.Cartn_z 
_atom_site.occupancy 
_atom_site.B_iso_or_equiv 
_atom_site.pdbx_formal_charge 
_atom_site.auth_seq_id 
_atom_site.auth_comp_id 
_atom_site.auth_asym_id 
_atom_site.auth_atom_id 
_atom_site.pdbx_PDB_model_num 
ATOM   1   O "O5'" . G   A 1 1 ? 0.939   10.322  -3.318  1.00 45.31 ? 1   G   A "O5'" 1 
ATOM   2   C "C5'" . G   A 1 1 ? 0.010   11.400  -3.254  1.00 36.92 ? 1   G   A "C5'" 1 
ATOM   3   C "C4'" . G   A 1 1 ? -1.038  11.239  -4.328  1.00 35.25 ? 1   G   A "C4'" 1 
ATOM   4   O "O4'" . G   A 1 1 ? -0.378  11.024  -5.600  1.00 35.81 ? 1   G   A "O4'" 1 
ATOM   5   C "C3'" . G   A 1 1 ? -1.933  10.027  -4.207  1.00 36.88 ? 1   G   A "C3'" 1 
ATOM   6   O "O3'" . G   A 1 1 ? -2.999  10.297  -3.329  1.00 39.28 ? 1   G   A "O3'" 1 
ATOM   7   C "C2'" . G   A 1 1 ? -2.427  9.877   -5.639  1.00 35.03 ? 1   G   A "C2'" 1 
ATOM   8   O "O2'" . G   A 1 1 ? -3.378  10.863  -5.998  1.00 43.63 ? 1   G   A "O2'" 1 
ATOM   9   C "C1'" . G   A 1 1 ? -1.142  10.143  -6.405  1.00 22.27 ? 1   G   A "C1'" 1 
ATOM   10  N N9    . G   A 1 1 ? -0.353  8.936   -6.554  1.00 12.49 ? 1   G   A N9    1 
ATOM   11  C C8    . G   A 1 1 ? 0.771   8.611   -5.847  1.00 11.98 ? 1   G   A C8    1 
ATOM   12  N N7    . G   A 1 1 ? 1.250   7.436   -6.170  1.00 18.40 ? 1   G   A N7    1 
ATOM   13  C C5    . G   A 1 1 ? 0.389   6.971   -7.153  1.00 9.65  ? 1   G   A C5    1 
ATOM   14  C C6    . G   A 1 1 ? 0.378   5.746   -7.855  1.00 20.59 ? 1   G   A C6    1 
ATOM   15  O O6    . G   A 1 1 ? 1.160   4.778   -7.754  1.00 17.72 ? 1   G   A O6    1 
ATOM   16  N N1    . G   A 1 1 ? -0.683  5.685   -8.749  1.00 24.85 ? 1   G   A N1    1 
ATOM   17  C C2    . G   A 1 1 ? -1.616  6.672   -8.933  1.00 20.98 ? 1   G   A C2    1 
ATOM   18  N N2    . G   A 1 1 ? -2.573  6.421   -9.846  1.00 15.43 ? 1   G   A N2    1 
ATOM   19  N N3    . G   A 1 1 ? -1.614  7.814   -8.280  1.00 15.10 ? 1   G   A N3    1 
ATOM   20  C C4    . G   A 1 1 ? -0.599  7.894   -7.410  1.00 11.83 ? 1   G   A C4    1 
ATOM   21  P P     . G   A 1 2 ? -3.631  9.103   -2.478  1.00 34.65 ? 2   G   A P     1 
ATOM   22  O OP1   . G   A 1 2 ? -4.544  9.771   -1.519  1.00 40.79 ? 2   G   A OP1   1 
ATOM   23  O OP2   . G   A 1 2 ? -2.583  8.178   -1.994  1.00 34.44 ? 2   G   A OP2   1 
ATOM   24  O "O5'" . G   A 1 2 ? -4.470  8.305   -3.544  1.00 33.05 ? 2   G   A "O5'" 1 
ATOM   25  C "C5'" . G   A 1 2 ? -5.603  8.913   -4.121  1.00 31.76 ? 2   G   A "C5'" 1 
ATOM   26  C "C4'" . G   A 1 2 ? -6.207  7.994   -5.129  1.00 27.24 ? 2   G   A "C4'" 1 
ATOM   27  O "O4'" . G   A 1 2 ? -5.212  7.736   -6.150  1.00 26.25 ? 2   G   A "O4'" 1 
ATOM   28  C "C3'" . G   A 1 2 ? -6.512  6.601   -4.635  1.00 23.52 ? 2   G   A "C3'" 1 
ATOM   29  O "O3'" . G   A 1 2 ? -7.748  6.570   -3.943  1.00 29.40 ? 2   G   A "O3'" 1 
ATOM   30  C "C2'" . G   A 1 2 ? -6.622  5.879   -5.964  1.00 25.63 ? 2   G   A "C2'" 1 
ATOM   31  O "O2'" . G   A 1 2 ? -7.769  6.314   -6.652  1.00 32.17 ? 2   G   A "O2'" 1 
ATOM   32  C "C1'" . G   A 1 2 ? -5.418  6.450   -6.702  1.00 13.72 ? 2   G   A "C1'" 1 
ATOM   33  N N9    . G   A 1 2 ? -4.227  5.651   -6.474  1.00 3.15  ? 2   G   A N9    1 
ATOM   34  C C8    . G   A 1 2 ? -3.187  5.915   -5.624  1.00 3.82  ? 2   G   A C8    1 
ATOM   35  N N7    . G   A 1 2 ? -2.280  4.979   -5.629  1.00 9.42  ? 2   G   A N7    1 
ATOM   36  C C5    . G   A 1 2 ? -2.756  4.052   -6.539  1.00 4.61  ? 2   G   A C5    1 
ATOM   37  C C6    . G   A 1 2 ? -2.210  2.838   -6.950  1.00 17.23 ? 2   G   A C6    1 
ATOM   38  O O6    . G   A 1 2 ? -1.176  2.314   -6.562  1.00 35.74 ? 2   G   A O6    1 
ATOM   39  N N1    . G   A 1 2 ? -3.007  2.198   -7.899  1.00 14.85 ? 2   G   A N1    1 
ATOM   40  C C2    . G   A 1 2 ? -4.201  2.683   -8.360  1.00 14.16 ? 2   G   A C2    1 
ATOM   41  N N2    . G   A 1 2 ? -4.872  1.917   -9.234  1.00 16.85 ? 2   G   A N2    1 
ATOM   42  N N3    . G   A 1 2 ? -4.715  3.833   -7.979  1.00 11.01 ? 2   G   A N3    1 
ATOM   43  C C4    . G   A 1 2 ? -3.944  4.455   -7.069  1.00 3.50  ? 2   G   A C4    1 
ATOM   44  P P     . G   A 1 3 ? -7.952  5.556   -2.700  1.00 27.38 ? 3   G   A P     1 
ATOM   45  O OP1   . G   A 1 3 ? -9.245  5.909   -2.112  1.00 31.11 ? 3   G   A OP1   1 
ATOM   46  O OP2   . G   A 1 3 ? -6.748  5.549   -1.847  1.00 21.29 ? 3   G   A OP2   1 
ATOM   47  O "O5'" . G   A 1 3 ? -8.093  4.128   -3.378  1.00 23.32 ? 3   G   A "O5'" 1 
ATOM   48  C "C5'" . G   A 1 3 ? -9.159  3.857   -4.305  1.00 22.69 ? 3   G   A "C5'" 1 
ATOM   49  C "C4'" . G   A 1 3 ? -9.036  2.450   -4.837  1.00 17.85 ? 3   G   A "C4'" 1 
ATOM   50  O "O4'" . G   A 1 3 ? -7.910  2.395   -5.731  1.00 12.97 ? 3   G   A "O4'" 1 
ATOM   51  C "C3'" . G   A 1 3 ? -8.745  1.385   -3.797  1.00 11.93 ? 3   G   A "C3'" 1 
ATOM   52  O "O3'" . G   A 1 3 ? -9.957  0.920   -3.241  1.00 20.51 ? 3   G   A "O3'" 1 
ATOM   53  C "C2'" . G   A 1 3 ? -8.116  0.307   -4.649  1.00 14.55 ? 3   G   A "C2'" 1 
ATOM   54  O "O2'" . G   A 1 3 ? -9.128  -0.374  -5.361  1.00 24.13 ? 3   G   A "O2'" 1 
ATOM   55  C "C1'" . G   A 1 3 ? -7.247  1.147   -5.595  1.00 12.99 ? 3   G   A "C1'" 1 
ATOM   56  N N9    . G   A 1 3 ? -5.896  1.417   -5.094  1.00 10.04 ? 3   G   A N9    1 
ATOM   57  C C8    . G   A 1 3 ? -5.493  2.523   -4.401  1.00 16.09 ? 3   G   A C8    1 
ATOM   58  N N7    . G   A 1 3 ? -4.250  2.454   -3.991  1.00 16.19 ? 3   G   A N7    1 
ATOM   59  C C5    . G   A 1 3 ? -3.799  1.245   -4.472  1.00 2.00  ? 3   G   A C5    1 
ATOM   60  C C6    . G   A 1 3 ? -2.587  0.655   -4.319  1.00 9.41  ? 3   G   A C6    1 
ATOM   61  O O6    . G   A 1 3 ? -1.602  1.107   -3.742  1.00 23.10 ? 3   G   A O6    1 
ATOM   62  N N1    . G   A 1 3 ? -2.543  -0.597  -4.912  1.00 12.61 ? 3   G   A N1    1 
ATOM   63  C C2    . G   A 1 3 ? -3.576  -1.182  -5.598  1.00 13.79 ? 3   G   A C2    1 
ATOM   64  N N2    . G   A 1 3 ? -3.373  -2.440  -6.087  1.00 16.74 ? 3   G   A N2    1 
ATOM   65  N N3    . G   A 1 3 ? -4.727  -0.599  -5.781  1.00 9.66  ? 3   G   A N3    1 
ATOM   66  C C4    . G   A 1 3 ? -4.781  0.598   -5.178  1.00 7.23  ? 3   G   A C4    1 
ATOM   67  P P     . C   A 1 4 ? -10.035 0.532   -1.680  1.00 22.82 ? 4   C   A P     1 
ATOM   68  O OP1   . C   A 1 4 ? -11.475 0.328   -1.469  1.00 30.76 ? 4   C   A OP1   1 
ATOM   69  O OP2   . C   A 1 4 ? -9.305  1.489   -0.823  1.00 17.47 ? 4   C   A OP2   1 
ATOM   70  O "O5'" . C   A 1 4 ? -9.277  -0.859  -1.591  1.00 16.01 ? 4   C   A "O5'" 1 
ATOM   71  C "C5'" . C   A 1 4 ? -9.756  -1.981  -2.333  1.00 17.25 ? 4   C   A "C5'" 1 
ATOM   72  C "C4'" . C   A 1 4 ? -8.779  -3.127  -2.247  1.00 18.51 ? 4   C   A "C4'" 1 
ATOM   73  O "O4'" . C   A 1 4 ? -7.583  -2.808  -3.001  1.00 20.94 ? 4   C   A "O4'" 1 
ATOM   74  C "C3'" . C   A 1 4 ? -8.214  -3.439  -0.875  1.00 23.27 ? 4   C   A "C3'" 1 
ATOM   75  O "O3'" . C   A 1 4 ? -9.151  -4.160  -0.050  1.00 33.92 ? 4   C   A "O3'" 1 
ATOM   76  C "C2'" . C   A 1 4 ? -7.007  -4.288  -1.256  1.00 21.91 ? 4   C   A "C2'" 1 
ATOM   77  O "O2'" . C   A 1 4 ? -7.416  -5.577  -1.649  1.00 25.03 ? 4   C   A "O2'" 1 
ATOM   78  C "C1'" . C   A 1 4 ? -6.481  -3.534  -2.480  1.00 15.05 ? 4   C   A "C1'" 1 
ATOM   79  N N1    . C   A 1 4 ? -5.402  -2.580  -2.152  1.00 14.95 ? 4   C   A N1    1 
ATOM   80  C C2    . C   A 1 4 ? -4.065  -2.982  -2.266  1.00 19.35 ? 4   C   A C2    1 
ATOM   81  O O2    . C   A 1 4 ? -3.793  -4.134  -2.664  1.00 23.00 ? 4   C   A O2    1 
ATOM   82  N N3    . C   A 1 4 ? -3.084  -2.105  -1.934  1.00 22.08 ? 4   C   A N3    1 
ATOM   83  C C4    . C   A 1 4 ? -3.392  -0.874  -1.513  1.00 21.06 ? 4   C   A C4    1 
ATOM   84  N N4    . C   A 1 4 ? -2.385  -0.052  -1.210  1.00 24.26 ? 4   C   A N4    1 
ATOM   85  C C5    . C   A 1 4 ? -4.739  -0.439  -1.394  1.00 14.77 ? 4   C   A C5    1 
ATOM   86  C C6    . C   A 1 4 ? -5.706  -1.316  -1.723  1.00 15.95 ? 4   C   A C6    1 
ATOM   87  P P     . G   A 1 5 ? -8.769  -4.501  1.477   1.00 27.10 ? 5   G   A P     1 
ATOM   88  O OP1   . G   A 1 5 ? -9.764  -5.413  2.097   1.00 31.81 ? 5   G   A OP1   1 
ATOM   89  O OP2   . G   A 1 5 ? -8.379  -3.255  2.172   1.00 25.35 ? 5   G   A OP2   1 
ATOM   90  O "O5'" . G   A 1 5 ? -7.421  -5.299  1.298   1.00 30.40 ? 5   G   A "O5'" 1 
ATOM   91  C "C5'" . G   A 1 5 ? -6.452  -5.270  2.317   1.00 32.33 ? 5   G   A "C5'" 1 
ATOM   92  C "C4'" . G   A 1 5 ? -5.377  -6.270  2.031   1.00 22.14 ? 5   G   A "C4'" 1 
ATOM   93  O "O4'" . G   A 1 5 ? -4.645  -5.814  0.879   1.00 16.51 ? 5   G   A "O4'" 1 
ATOM   94  C "C3'" . G   A 1 5 ? -4.364  -6.319  3.146   1.00 24.41 ? 5   G   A "C3'" 1 
ATOM   95  O "O3'" . G   A 1 5 ? -4.787  -7.292  4.080   1.00 27.32 ? 5   G   A "O3'" 1 
ATOM   96  C "C2'" . G   A 1 5 ? -3.097  -6.673  2.409   1.00 16.81 ? 5   G   A "C2'" 1 
ATOM   97  O "O2'" . G   A 1 5 ? -3.191  -8.007  2.010   1.00 25.12 ? 5   G   A "O2'" 1 
ATOM   98  C "C1'" . G   A 1 5 ? -3.264  -5.809  1.172   1.00 9.85  ? 5   G   A "C1'" 1 
ATOM   99  N N9    . G   A 1 5 ? -2.910  -4.412  1.361   1.00 8.48  ? 5   G   A N9    1 
ATOM   100 C C8    . G   A 1 5 ? -3.777  -3.356  1.363   1.00 6.54  ? 5   G   A C8    1 
ATOM   101 N N7    . G   A 1 5 ? -3.174  -2.203  1.485   1.00 12.57 ? 5   G   A N7    1 
ATOM   102 C C5    . G   A 1 5 ? -1.835  -2.535  1.586   1.00 6.44  ? 5   G   A C5    1 
ATOM   103 C C6    . G   A 1 5 ? -0.729  -1.720  1.729   1.00 17.99 ? 5   G   A C6    1 
ATOM   104 O O6    . G   A 1 5 ? -0.704  -0.494  1.790   1.00 25.74 ? 5   G   A O6    1 
ATOM   105 N N1    . G   A 1 5 ? 0.448   -2.448  1.814   1.00 22.69 ? 5   G   A N1    1 
ATOM   106 C C2    . G   A 1 5 ? 0.527   -3.812  1.766   1.00 22.59 ? 5   G   A C2    1 
ATOM   107 N N2    . G   A 1 5 ? 1.749   -4.358  1.927   1.00 23.67 ? 5   G   A N2    1 
ATOM   108 N N3    . G   A 1 5 ? -0.515  -4.591  1.601   1.00 21.06 ? 5   G   A N3    1 
ATOM   109 C C4    . G   A 1 5 ? -1.652  -3.892  1.527   1.00 9.74  ? 5   G   A C4    1 
ATOM   110 P P     . C   A 1 6 ? -4.647  -6.983  5.638   1.00 24.46 ? 6   C   A P     1 
ATOM   111 O OP1   . C   A 1 6 ? -5.222  -8.135  6.350   1.00 28.48 ? 6   C   A OP1   1 
ATOM   112 O OP2   . C   A 1 6 ? -5.195  -5.623  5.853   1.00 25.21 ? 6   C   A OP2   1 
ATOM   113 O "O5'" . C   A 1 6 ? -3.069  -6.952  5.872   1.00 24.66 ? 6   C   A "O5'" 1 
ATOM   114 C "C5'" . C   A 1 6 ? -2.263  -8.133  5.620   1.00 22.81 ? 6   C   A "C5'" 1 
ATOM   115 C "C4'" . C   A 1 6 ? -0.777  -7.806  5.687   1.00 24.29 ? 6   C   A "C4'" 1 
ATOM   116 O "O4'" . C   A 1 6 ? -0.465  -6.825  4.667   1.00 28.87 ? 6   C   A "O4'" 1 
ATOM   117 C "C3'" . C   A 1 6 ? -0.266  -7.136  6.953   1.00 32.90 ? 6   C   A "C3'" 1 
ATOM   118 O "O3'" . C   A 1 6 ? -0.005  -8.070  7.992   1.00 42.69 ? 6   C   A "O3'" 1 
ATOM   119 C "C2'" . C   A 1 6 ? 1.023   -6.495  6.470   1.00 32.26 ? 6   C   A "C2'" 1 
ATOM   120 O "O2'" . C   A 1 6 ? 2.065   -7.423  6.283   1.00 44.68 ? 6   C   A "O2'" 1 
ATOM   121 C "C1'" . C   A 1 6 ? 0.602   -5.988  5.099   1.00 22.41 ? 6   C   A "C1'" 1 
ATOM   122 N N1    . C   A 1 6 ? 0.129   -4.593  5.122   1.00 17.11 ? 6   C   A N1    1 
ATOM   123 C C2    . C   A 1 6 ? 1.060   -3.552  5.251   1.00 23.98 ? 6   C   A C2    1 
ATOM   124 O O2    . C   A 1 6 ? 2.274   -3.810  5.415   1.00 26.04 ? 6   C   A O2    1 
ATOM   125 N N3    . C   A 1 6 ? 0.619   -2.278  5.211   1.00 20.26 ? 6   C   A N3    1 
ATOM   126 C C4    . C   A 1 6 ? -0.680  -2.025  5.064   1.00 17.26 ? 6   C   A C4    1 
ATOM   127 N N4    . C   A 1 6 ? -1.064  -0.754  4.993   1.00 19.84 ? 6   C   A N4    1 
ATOM   128 C C5    . C   A 1 6 ? -1.640  -3.058  4.972   1.00 11.67 ? 6   C   A C5    1 
ATOM   129 C C6    . C   A 1 6 ? -1.201  -4.314  5.003   1.00 12.02 ? 6   C   A C6    1 
ATOM   130 P P     . U   A 1 7 ? -0.281  -7.650  9.522   1.00 44.94 ? 7   U   A P     1 
ATOM   131 O OP1   . U   A 1 7 ? -0.075  -8.861  10.340  1.00 50.14 ? 7   U   A OP1   1 
ATOM   132 O OP2   . U   A 1 7 ? -1.580  -6.924  9.593   1.00 45.27 ? 7   U   A OP2   1 
ATOM   133 O "O5'" . U   A 1 7 ? 0.864   -6.592  9.848   1.00 41.72 ? 7   U   A "O5'" 1 
ATOM   134 C "C5'" . U   A 1 7 ? 2.234   -7.004  9.869   1.00 41.60 ? 7   U   A "C5'" 1 
ATOM   135 C "C4'" . U   A 1 7 ? 3.160   -5.805  9.820   1.00 40.28 ? 7   U   A "C4'" 1 
ATOM   136 O "O4'" . U   A 1 7 ? 2.815   -4.991  8.677   1.00 41.73 ? 7   U   A "O4'" 1 
ATOM   137 C "C3'" . U   A 1 7 ? 3.076   -4.834  10.974  1.00 40.60 ? 7   U   A "C3'" 1 
ATOM   138 O "O3'" . U   A 1 7 ? 3.876   -5.295  12.049  1.00 48.53 ? 7   U   A "O3'" 1 
ATOM   139 C "C2'" . U   A 1 7 ? 3.667   -3.575  10.365  1.00 36.05 ? 7   U   A "C2'" 1 
ATOM   140 O "O2'" . U   A 1 7 ? 5.078   -3.654  10.311  1.00 35.83 ? 7   U   A "O2'" 1 
ATOM   141 C "C1'" . U   A 1 7 ? 3.072   -3.627  8.964   1.00 33.21 ? 7   U   A "C1'" 1 
ATOM   142 N N1    . U   A 1 7 ? 1.813   -2.887  8.812   1.00 23.14 ? 7   U   A N1    1 
ATOM   143 C C2    . U   A 1 7 ? 1.885   -1.527  8.629   1.00 24.75 ? 7   U   A C2    1 
ATOM   144 O O2    . U   A 1 7 ? 2.952   -0.918  8.629   1.00 31.96 ? 7   U   A O2    1 
ATOM   145 N N3    . U   A 1 7 ? 0.674   -0.899  8.452   1.00 15.00 ? 7   U   A N3    1 
ATOM   146 C C4    . U   A 1 7 ? -0.567  -1.492  8.440   1.00 23.62 ? 7   U   A C4    1 
ATOM   147 O O4    . U   A 1 7 ? -1.581  -0.798  8.257   1.00 31.00 ? 7   U   A O4    1 
ATOM   148 C C5    . U   A 1 7 ? -0.549  -2.898  8.662   1.00 19.03 ? 7   U   A C5    1 
ATOM   149 C C6    . U   A 1 7 ? 0.610   -3.530  8.842   1.00 23.52 ? 7   U   A C6    1 
ATOM   150 P P     . C   A 1 8 ? 3.381   -5.049  13.557  1.00 56.41 ? 8   C   A P     1 
ATOM   151 O OP1   . C   A 1 8 ? 4.184   -5.927  14.440  1.00 55.80 ? 8   C   A OP1   1 
ATOM   152 O OP2   . C   A 1 8 ? 1.890   -5.143  13.577  1.00 53.26 ? 8   C   A OP2   1 
ATOM   153 O "O5'" . C   A 1 8 ? 3.819   -3.546  13.851  1.00 52.38 ? 8   C   A "O5'" 1 
ATOM   154 C "C5'" . C   A 1 8 ? 5.197   -3.257  14.107  1.00 53.59 ? 8   C   A "C5'" 1 
ATOM   155 C "C4'" . C   A 1 8 ? 5.453   -1.781  14.056  1.00 53.65 ? 8   C   A "C4'" 1 
ATOM   156 O "O4'" . C   A 1 8 ? 5.003   -1.273  12.776  1.00 53.33 ? 8   C   A "O4'" 1 
ATOM   157 C "C3'" . C   A 1 8 ? 4.704   -0.916  15.047  1.00 57.86 ? 8   C   A "C3'" 1 
ATOM   158 O "O3'" . C   A 1 8 ? 5.291   -0.966  16.353  1.00 65.11 ? 8   C   A "O3'" 1 
ATOM   159 C "C2'" . C   A 1 8 ? 4.832   0.442   14.381  1.00 53.39 ? 8   C   A "C2'" 1 
ATOM   160 O "O2'" . C   A 1 8 ? 6.144   0.964   14.484  1.00 55.23 ? 8   C   A "O2'" 1 
ATOM   161 C "C1'" . C   A 1 8 ? 4.568   0.070   12.920  1.00 43.29 ? 8   C   A "C1'" 1 
ATOM   162 N N1    . C   A 1 8 ? 3.146   0.133   12.552  1.00 23.68 ? 8   C   A N1    1 
ATOM   163 C C2    . C   A 1 8 ? 2.669   1.277   11.964  1.00 16.62 ? 8   C   A C2    1 
ATOM   164 O O2    . C   A 1 8 ? 3.435   2.241   11.828  1.00 20.80 ? 8   C   A O2    1 
ATOM   165 N N3    . C   A 1 8 ? 1.379   1.323   11.568  1.00 13.29 ? 8   C   A N3    1 
ATOM   166 C C4    . C   A 1 8 ? 0.582   0.267   11.763  1.00 17.21 ? 8   C   A C4    1 
ATOM   167 N N4    . C   A 1 8 ? -0.679  0.327   11.323  1.00 23.46 ? 8   C   A N4    1 
ATOM   168 C C5    . C   A 1 8 ? 1.037   -0.902  12.402  1.00 15.82 ? 8   C   A C5    1 
ATOM   169 C C6    . C   A 1 8 ? 2.317   -0.932  12.778  1.00 25.24 ? 8   C   A C6    1 
ATOM   170 P P     . C   A 1 9 ? 4.495   -1.697  17.551  1.00 65.46 ? 9   C   A P     1 
ATOM   171 O OP1   . C   A 1 9 ? 5.493   -2.370  18.416  0.00 66.76 ? 9   C   A OP1   1 
ATOM   172 O OP2   . C   A 1 9 ? 3.394   -2.502  16.934  0.00 66.77 ? 9   C   A OP2   1 
ATOM   173 O "O5'" . C   A 1 9 ? 3.847   -0.507  18.376  0.00 66.76 ? 9   C   A "O5'" 1 
ATOM   174 O "O5'" . G   B 1 1 ? -3.040  8.799   7.178   1.00 51.34 ? 10  G   B "O5'" 1 
ATOM   175 C "C5'" . G   B 1 1 ? -2.462  10.114  7.038   1.00 37.90 ? 10  G   B "C5'" 1 
ATOM   176 C "C4'" . G   B 1 1 ? -1.197  10.241  7.851   1.00 23.28 ? 10  G   B "C4'" 1 
ATOM   177 O "O4'" . G   B 1 1 ? -1.476  9.659   9.135   1.00 27.92 ? 10  G   B "O4'" 1 
ATOM   178 C "C3'" . G   B 1 1 ? -0.011  9.440   7.358   1.00 28.20 ? 10  G   B "C3'" 1 
ATOM   179 O "O3'" . G   B 1 1 ? 0.731   10.194  6.427   1.00 34.39 ? 10  G   B "O3'" 1 
ATOM   180 C "C2'" . G   B 1 1 ? 0.762   9.238   8.641   1.00 24.77 ? 10  G   B "C2'" 1 
ATOM   181 O "O2'" . G   B 1 1 ? 1.226   10.487  9.106   1.00 33.98 ? 10  G   B "O2'" 1 
ATOM   182 C "C1'" . G   B 1 1 ? -0.376  8.883   9.567   1.00 20.54 ? 10  G   B "C1'" 1 
ATOM   183 N N9    . G   B 1 1 ? -0.819  7.507   9.534   1.00 15.77 ? 10  G   B N9    1 
ATOM   184 C C8    . G   B 1 1 ? -2.045  7.083   9.099   1.00 15.77 ? 10  G   B C8    1 
ATOM   185 N N7    . G   B 1 1 ? -2.206  5.799   9.214   1.00 21.56 ? 10  G   B N7    1 
ATOM   186 C C5    . G   B 1 1 ? -1.004  5.347   9.749   1.00 17.14 ? 10  G   B C5    1 
ATOM   187 C C6    . G   B 1 1 ? -0.595  4.048   10.073  1.00 26.00 ? 10  G   B C6    1 
ATOM   188 O O6    . G   B 1 1 ? -1.224  2.996   9.946   1.00 39.20 ? 10  G   B O6    1 
ATOM   189 N N1    . G   B 1 1 ? 0.694   4.025   10.581  1.00 26.13 ? 10  G   B N1    1 
ATOM   190 C C2    . G   B 1 1 ? 1.481   5.130   10.754  1.00 26.51 ? 10  G   B C2    1 
ATOM   191 N N2    . G   B 1 1 ? 2.706   4.891   11.258  1.00 34.00 ? 10  G   B N2    1 
ATOM   192 N N3    . G   B 1 1 ? 1.107   6.358   10.453  1.00 17.24 ? 10  G   B N3    1 
ATOM   193 C C4    . G   B 1 1 ? -0.139  6.389   9.950   1.00 12.13 ? 10  G   B C4    1 
ATOM   194 P P     . G   B 1 2 ? 1.465   9.436   5.233   1.00 32.88 ? 11  G   B P     1 
ATOM   195 O OP1   . G   B 1 2 ? 2.039   10.452  4.318   1.00 37.49 ? 11  G   B OP1   1 
ATOM   196 O OP2   . G   B 1 2 ? 0.447   8.480   4.733   1.00 32.76 ? 11  G   B OP2   1 
ATOM   197 O "O5'" . G   B 1 2 ? 2.668   8.677   5.948   1.00 29.60 ? 11  G   B "O5'" 1 
ATOM   198 C "C5'" . G   B 1 2 ? 3.723   9.439   6.541   1.00 29.49 ? 11  G   B "C5'" 1 
ATOM   199 C "C4'" . G   B 1 2 ? 4.763   8.531   7.128   1.00 31.08 ? 11  G   B "C4'" 1 
ATOM   200 O "O4'" . G   B 1 2 ? 4.153   7.776   8.194   1.00 34.98 ? 11  G   B "O4'" 1 
ATOM   201 C "C3'" . G   B 1 2 ? 5.268   7.446   6.200   1.00 38.01 ? 11  G   B "C3'" 1 
ATOM   202 O "O3'" . G   B 1 2 ? 6.271   7.936   5.330   1.00 47.28 ? 11  G   B "O3'" 1 
ATOM   203 C "C2'" . G   B 1 2 ? 5.826   6.442   7.194   1.00 37.11 ? 11  G   B "C2'" 1 
ATOM   204 O "O2'" . G   B 1 2 ? 7.070   6.818   7.748   1.00 39.21 ? 11  G   B "O2'" 1 
ATOM   205 C "C1'" . G   B 1 2 ? 4.745   6.482   8.268   1.00 33.65 ? 11  G   B "C1'" 1 
ATOM   206 N N9    . G   B 1 2 ? 3.718   5.476   8.010   1.00 28.58 ? 11  G   B N9    1 
ATOM   207 C C8    . G   B 1 2 ? 2.497   5.666   7.409   1.00 27.11 ? 11  G   B C8    1 
ATOM   208 N N7    . G   B 1 2 ? 1.804   4.562   7.300   1.00 26.67 ? 11  G   B N7    1 
ATOM   209 C C5    . G   B 1 2 ? 2.608   3.590   7.866   1.00 19.71 ? 11  G   B C5    1 
ATOM   210 C C6    . G   B 1 2 ? 2.376   2.229   8.020   1.00 20.43 ? 11  G   B C6    1 
ATOM   211 O O6    . G   B 1 2 ? 1.375   1.593   7.701   1.00 18.66 ? 11  G   B O6    1 
ATOM   212 N N1    . G   B 1 2 ? 3.456   1.586   8.615   1.00 29.61 ? 11  G   B N1    1 
ATOM   213 C C2    . G   B 1 2 ? 4.620   2.196   9.022   1.00 31.86 ? 11  G   B C2    1 
ATOM   214 N N2    . G   B 1 2 ? 5.558   1.391   9.566   1.00 35.30 ? 11  G   B N2    1 
ATOM   215 N N3    . G   B 1 2 ? 4.844   3.500   8.900   1.00 32.37 ? 11  G   B N3    1 
ATOM   216 C C4    . G   B 1 2 ? 3.797   4.130   8.307   1.00 25.96 ? 11  G   B C4    1 
ATOM   217 P P     . G   B 1 3 ? 6.403   7.327   3.844   1.00 46.83 ? 12  G   B P     1 
ATOM   218 O OP1   . G   B 1 3 ? 7.601   8.024   3.299   1.00 56.43 ? 12  G   B OP1   1 
ATOM   219 O OP2   . G   B 1 3 ? 5.096   7.416   3.108   1.00 38.48 ? 12  G   B OP2   1 
ATOM   220 O "O5'" . G   B 1 3 ? 6.784   5.797   4.096   1.00 37.01 ? 12  G   B "O5'" 1 
ATOM   221 C "C5'" . G   B 1 3 ? 8.066   5.472   4.648   1.00 27.75 ? 12  G   B "C5'" 1 
ATOM   222 C "C4'" . G   B 1 3 ? 8.204   3.990   4.872   1.00 30.17 ? 12  G   B "C4'" 1 
ATOM   223 O "O4'" . G   B 1 3 ? 7.186   3.582   5.810   1.00 36.87 ? 12  G   B "O4'" 1 
ATOM   224 C "C3'" . G   B 1 3 ? 7.960   3.045   3.710   1.00 37.74 ? 12  G   B "C3'" 1 
ATOM   225 O "O3'" . G   B 1 3 ? 9.065   2.946   2.805   1.00 40.52 ? 12  G   B "O3'" 1 
ATOM   226 C "C2'" . G   B 1 3 ? 7.738   1.738   4.462   1.00 39.22 ? 12  G   B "C2'" 1 
ATOM   227 O "O2'" . G   B 1 3 ? 8.907   1.230   5.078   1.00 44.21 ? 12  G   B "O2'" 1 
ATOM   228 C "C1'" . G   B 1 3 ? 6.851   2.221   5.592   1.00 29.87 ? 12  G   B "C1'" 1 
ATOM   229 N N9    . G   B 1 3 ? 5.441   2.141   5.250   1.00 25.55 ? 12  G   B N9    1 
ATOM   230 C C8    . G   B 1 3 ? 4.631   3.157   4.797   1.00 24.91 ? 12  G   B C8    1 
ATOM   231 N N7    . G   B 1 3 ? 3.388   2.782   4.634   1.00 28.06 ? 12  G   B N7    1 
ATOM   232 C C5    . G   B 1 3 ? 3.387   1.433   4.983   1.00 23.50 ? 12  G   B C5    1 
ATOM   233 C C6    . G   B 1 3 ? 2.333   0.493   5.000   1.00 23.43 ? 12  G   B C6    1 
ATOM   234 O O6    . G   B 1 3 ? 1.147   0.661   4.714   1.00 27.08 ? 12  G   B O6    1 
ATOM   235 N N1    . G   B 1 3 ? 2.763   -0.755  5.407   1.00 17.66 ? 12  G   B N1    1 
ATOM   236 C C2    . G   B 1 3 ? 4.038   -1.064  5.759   1.00 22.41 ? 12  G   B C2    1 
ATOM   237 N N2    . G   B 1 3 ? 4.240   -2.324  6.154   1.00 26.71 ? 12  G   B N2    1 
ATOM   238 N N3    . G   B 1 3 ? 5.044   -0.202  5.747   1.00 21.01 ? 12  G   B N3    1 
ATOM   239 C C4    . G   B 1 3 ? 4.646   1.022   5.349   1.00 22.27 ? 12  G   B C4    1 
ATOM   240 P P     . C   B 1 4 ? 8.775   2.689   1.246   1.00 35.23 ? 13  C   B P     1 
ATOM   241 O OP1   . C   B 1 4 ? 10.039  2.779   0.500   1.00 45.47 ? 13  C   B OP1   1 
ATOM   242 O OP2   . C   B 1 4 ? 7.623   3.541   0.847   1.00 32.45 ? 13  C   B OP2   1 
ATOM   243 O "O5'" . C   B 1 4 ? 8.327   1.173   1.198   1.00 30.14 ? 13  C   B "O5'" 1 
ATOM   244 C "C5'" . C   B 1 4 ? 9.228   0.175   1.634   1.00 23.57 ? 13  C   B "C5'" 1 
ATOM   245 C "C4'" . C   B 1 4 ? 8.530   -1.151  1.710   1.00 29.66 ? 13  C   B "C4'" 1 
ATOM   246 O "O4'" . C   B 1 4 ? 7.461   -1.060  2.678   1.00 28.71 ? 13  C   B "O4'" 1 
ATOM   247 C "C3'" . C   B 1 4 ? 7.783   -1.603  0.472   1.00 32.57 ? 13  C   B "C3'" 1 
ATOM   248 O "O3'" . C   B 1 4 ? 8.662   -2.147  -0.501  1.00 37.42 ? 13  C   B "O3'" 1 
ATOM   249 C "C2'" . C   B 1 4 ? 6.891   -2.670  1.080   1.00 29.37 ? 13  C   B "C2'" 1 
ATOM   250 O "O2'" . C   B 1 4 ? 7.618   -3.784  1.541   1.00 38.99 ? 13  C   B "O2'" 1 
ATOM   251 C "C1'" . C   B 1 4 ? 6.412   -1.941  2.319   1.00 25.25 ? 13  C   B "C1'" 1 
ATOM   252 N N1    . C   B 1 4 ? 5.216   -1.145  2.012   1.00 20.43 ? 13  C   B N1    1 
ATOM   253 C C2    . C   B 1 4 ? 3.984   -1.771  2.070   1.00 18.81 ? 13  C   B C2    1 
ATOM   254 O O2    . C   B 1 4 ? 3.933   -2.969  2.370   1.00 27.50 ? 13  C   B O2    1 
ATOM   255 N N3    . C   B 1 4 ? 2.873   -1.074  1.812   1.00 18.94 ? 13  C   B N3    1 
ATOM   256 C C4    . C   B 1 4 ? 2.958   0.216   1.502   1.00 19.98 ? 13  C   B C4    1 
ATOM   257 N N4    . C   B 1 4 ? 1.817   0.873   1.285   1.00 22.38 ? 13  C   B N4    1 
ATOM   258 C C5    . C   B 1 4 ? 4.211   0.887   1.413   1.00 18.49 ? 13  C   B C5    1 
ATOM   259 C C6    . C   B 1 4 ? 5.308   0.173   1.675   1.00 14.11 ? 13  C   B C6    1 
ATOM   260 P P     . G   B 1 5 ? 8.236   -2.146  -2.047  1.00 30.84 ? 14  G   B P     1 
ATOM   261 O OP1   . G   B 1 5 ? 9.431   -2.673  -2.694  1.00 37.60 ? 14  G   B OP1   1 
ATOM   262 O OP2   . G   B 1 5 ? 7.704   -0.822  -2.450  1.00 30.27 ? 14  G   B OP2   1 
ATOM   263 O "O5'" . G   B 1 5 ? 7.076   -3.228  -2.136  1.00 31.43 ? 14  G   B "O5'" 1 
ATOM   264 C "C5'" . G   B 1 5 ? 7.399   -4.608  -1.906  1.00 33.39 ? 14  G   B "C5'" 1 
ATOM   265 C "C4'" . G   B 1 5 ? 6.198   -5.521  -2.099  1.00 32.44 ? 14  G   B "C4'" 1 
ATOM   266 O "O4'" . G   B 1 5 ? 5.249   -5.319  -1.030  1.00 32.12 ? 14  G   B "O4'" 1 
ATOM   267 C "C3'" . G   B 1 5 ? 5.367   -5.419  -3.373  1.00 30.19 ? 14  G   B "C3'" 1 
ATOM   268 O "O3'" . G   B 1 5 ? 5.966   -6.157  -4.435  1.00 23.00 ? 14  G   B "O3'" 1 
ATOM   269 C "C2'" . G   B 1 5 ? 4.086   -6.101  -2.918  1.00 31.34 ? 14  G   B "C2'" 1 
ATOM   270 O "O2'" . G   B 1 5 ? 4.242   -7.507  -2.808  1.00 33.26 ? 14  G   B "O2'" 1 
ATOM   271 C "C1'" . G   B 1 5 ? 3.933   -5.505  -1.520  1.00 25.38 ? 14  G   B "C1'" 1 
ATOM   272 N N9    . G   B 1 5 ? 3.312   -4.187  -1.555  1.00 22.46 ? 14  G   B N9    1 
ATOM   273 C C8    . G   B 1 5 ? 3.955   -2.969  -1.509  1.00 20.48 ? 14  G   B C8    1 
ATOM   274 N N7    . G   B 1 5 ? 3.128   -1.954  -1.551  1.00 24.04 ? 14  G   B N7    1 
ATOM   275 C C5    . G   B 1 5 ? 1.865   -2.541  -1.626  1.00 15.09 ? 14  G   B C5    1 
ATOM   276 C C6    . G   B 1 5 ? 0.606   -1.961  -1.667  1.00 15.66 ? 14  G   B C6    1 
ATOM   277 O O6    . G   B 1 5 ? 0.318   -0.761  -1.629  1.00 26.26 ? 14  G   B O6    1 
ATOM   278 N N1    . G   B 1 5 ? -0.400  -2.914  -1.752  1.00 11.49 ? 14  G   B N1    1 
ATOM   279 C C2    . G   B 1 5 ? -0.214  -4.259  -1.786  1.00 13.84 ? 14  G   B C2    1 
ATOM   280 N N2    . G   B 1 5 ? -1.308  -5.011  -1.913  1.00 15.95 ? 14  G   B N2    1 
ATOM   281 N N3    . G   B 1 5 ? 0.963   -4.828  -1.714  1.00 20.73 ? 14  G   B N3    1 
ATOM   282 C C4    . G   B 1 5 ? 1.959   -3.914  -1.641  1.00 21.98 ? 14  G   B C4    1 
ATOM   283 P P     . C   B 1 6 ? 5.977   -5.549  -5.920  1.00 22.60 ? 15  C   B P     1 
ATOM   284 O OP1   . C   B 1 6 ? 6.936   -6.373  -6.681  1.00 35.15 ? 15  C   B OP1   1 
ATOM   285 O OP2   . C   B 1 6 ? 6.137   -4.077  -5.886  1.00 20.38 ? 15  C   B OP2   1 
ATOM   286 O "O5'" . C   B 1 6 ? 4.510   -5.800  -6.479  1.00 19.30 ? 15  C   B "O5'" 1 
ATOM   287 C "C5'" . C   B 1 6 ? 3.988   -7.117  -6.609  1.00 18.60 ? 15  C   B "C5'" 1 
ATOM   288 C "C4'" . C   B 1 6 ? 2.493   -7.050  -6.828  1.00 23.47 ? 15  C   B "C4'" 1 
ATOM   289 O "O4'" . C   B 1 6 ? 1.842   -6.572  -5.622  1.00 20.72 ? 15  C   B "O4'" 1 
ATOM   290 C "C3'" . C   B 1 6 ? 2.030   -6.076  -7.894  1.00 21.21 ? 15  C   B "C3'" 1 
ATOM   291 O "O3'" . C   B 1 6 ? 2.145   -6.708  -9.168  1.00 30.32 ? 15  C   B "O3'" 1 
ATOM   292 C "C2'" . C   B 1 6 ? 0.575   -5.855  -7.486  1.00 17.37 ? 15  C   B "C2'" 1 
ATOM   293 O "O2'" . C   B 1 6 ? -0.270  -6.923  -7.832  1.00 23.24 ? 15  C   B "O2'" 1 
ATOM   294 C "C1'" . C   B 1 6 ? 0.683   -5.828  -5.968  1.00 15.86 ? 15  C   B "C1'" 1 
ATOM   295 N N1    . C   B 1 6 ? 0.879   -4.448  -5.551  1.00 9.60  ? 15  C   B N1    1 
ATOM   296 C C2    . C   B 1 6 ? -0.175  -3.600  -5.630  1.00 13.36 ? 15  C   B C2    1 
ATOM   297 O O2    . C   B 1 6 ? -1.275  -4.055  -5.912  1.00 22.91 ? 15  C   B O2    1 
ATOM   298 N N3    . C   B 1 6 ? 0.009   -2.288  -5.390  1.00 18.53 ? 15  C   B N3    1 
ATOM   299 C C4    . C   B 1 6 ? 1.212   -1.835  -5.041  1.00 12.39 ? 15  C   B C4    1 
ATOM   300 N N4    . C   B 1 6 ? 1.370   -0.523  -4.858  1.00 14.08 ? 15  C   B N4    1 
ATOM   301 C C5    . C   B 1 6 ? 2.304   -2.699  -4.881  1.00 13.75 ? 15  C   B C5    1 
ATOM   302 C C6    . C   B 1 6 ? 2.091   -3.998  -5.139  1.00 18.43 ? 15  C   B C6    1 
ATOM   303 P P     . U   B 1 7 ? 2.599   -5.867  -10.473 1.00 24.73 ? 16  U   B P     1 
ATOM   304 O OP1   . U   B 1 7 ? 2.840   -6.870  -11.522 1.00 27.88 ? 16  U   B OP1   1 
ATOM   305 O OP2   . U   B 1 7 ? 3.690   -4.931  -10.115 1.00 30.80 ? 16  U   B OP2   1 
ATOM   306 O "O5'" . U   B 1 7 ? 1.312   -5.014  -10.833 1.00 20.48 ? 16  U   B "O5'" 1 
ATOM   307 C "C5'" . U   B 1 7 ? 0.053   -5.656  -11.114 1.00 22.14 ? 16  U   B "C5'" 1 
ATOM   308 C "C4'" . U   B 1 7 ? -1.086  -4.653  -11.025 1.00 22.30 ? 16  U   B "C4'" 1 
ATOM   309 O "O4'" . U   B 1 7 ? -1.176  -4.161  -9.660  1.00 24.87 ? 16  U   B "O4'" 1 
ATOM   310 C "C3'" . U   B 1 7 ? -0.928  -3.372  -11.835 1.00 24.69 ? 16  U   B "C3'" 1 
ATOM   311 O "O3'" . U   B 1 7 ? -1.332  -3.567  -13.192 1.00 26.43 ? 16  U   B "O3'" 1 
ATOM   312 C "C2'" . U   B 1 7 ? -1.897  -2.440  -11.123 1.00 25.35 ? 16  U   B "C2'" 1 
ATOM   313 O "O2'" . U   B 1 7 ? -3.218  -2.778  -11.479 1.00 28.59 ? 16  U   B "O2'" 1 
ATOM   314 C "C1'" . U   B 1 7 ? -1.649  -2.815  -9.662  1.00 24.43 ? 16  U   B "C1'" 1 
ATOM   315 N N1    . U   B 1 7 ? -0.652  -1.956  -9.004  1.00 16.33 ? 16  U   B N1    1 
ATOM   316 C C2    . U   B 1 7 ? -1.053  -0.711  -8.564  1.00 17.42 ? 16  U   B C2    1 
ATOM   317 O O2    . U   B 1 7 ? -2.195  -0.282  -8.700  1.00 27.89 ? 16  U   B O2    1 
ATOM   318 N N3    . U   B 1 7 ? -0.062  0.037   -7.988  1.00 14.47 ? 16  U   B N3    1 
ATOM   319 C C4    . U   B 1 7 ? 1.257   -0.304  -7.836  1.00 14.46 ? 16  U   B C4    1 
ATOM   320 O O4    . U   B 1 7 ? 2.054   0.535   -7.426  1.00 21.62 ? 16  U   B O4    1 
ATOM   321 C C5    . U   B 1 7 ? 1.586   -1.595  -8.307  1.00 15.73 ? 16  U   B C5    1 
ATOM   322 C C6    . U   B 1 7 ? 0.642   -2.364  -8.850  1.00 18.52 ? 16  U   B C6    1 
ATOM   323 P P     . C   B 1 8 ? -0.795  -2.571  -14.330 1.00 20.33 ? 17  C   B P     1 
ATOM   324 O OP1   . C   B 1 8 ? -1.220  -3.053  -15.667 1.00 22.44 ? 17  C   B OP1   1 
ATOM   325 O OP2   . C   B 1 8 ? 0.641   -2.311  -14.065 1.00 20.35 ? 17  C   B OP2   1 
ATOM   326 O "O5'" . C   B 1 8 ? -1.574  -1.222  -14.022 1.00 23.83 ? 17  C   B "O5'" 1 
ATOM   327 C "C5'" . C   B 1 8 ? -2.939  -1.076  -14.411 1.00 25.45 ? 17  C   B "C5'" 1 
ATOM   328 C "C4'" . C   B 1 8 ? -3.445  0.311   -14.101 1.00 26.17 ? 17  C   B "C4'" 1 
ATOM   329 O "O4'" . C   B 1 8 ? -3.278  0.581   -12.694 1.00 25.01 ? 17  C   B "O4'" 1 
ATOM   330 C "C3'" . C   B 1 8 ? -2.738  1.479   -14.752 1.00 29.56 ? 17  C   B "C3'" 1 
ATOM   331 O "O3'" . C   B 1 8 ? -3.207  1.636   -16.091 1.00 41.65 ? 17  C   B "O3'" 1 
ATOM   332 C "C2'" . C   B 1 8 ? -3.203  2.626   -13.861 1.00 27.30 ? 17  C   B "C2'" 1 
ATOM   333 O "O2'" . C   B 1 8 ? -4.528  3.010   -14.153 1.00 31.18 ? 17  C   B "O2'" 1 
ATOM   334 C "C1'" . C   B 1 8 ? -3.162  1.973   -12.481 1.00 21.42 ? 17  C   B "C1'" 1 
ATOM   335 N N1    . C   B 1 8 ? -1.911  2.198   -11.767 1.00 14.29 ? 17  C   B N1    1 
ATOM   336 C C2    . C   B 1 8 ? -1.756  3.334   -11.022 1.00 14.92 ? 17  C   B C2    1 
ATOM   337 O O2    . C   B 1 8 ? -2.667  4.169   -11.001 1.00 19.94 ? 17  C   B O2    1 
ATOM   338 N N3    . C   B 1 8 ? -0.623  3.511   -10.328 1.00 16.70 ? 17  C   B N3    1 
ATOM   339 C C4    . C   B 1 8 ? 0.330   2.580   -10.367 1.00 19.82 ? 17  C   B C4    1 
ATOM   340 N N4    . C   B 1 8 ? 1.422   2.748   -9.606  1.00 31.77 ? 17  C   B N4    1 
ATOM   341 C C5    . C   B 1 8 ? 0.207   1.425   -11.158 1.00 12.36 ? 17  C   B C5    1 
ATOM   342 C C6    . C   B 1 8 ? -0.918  1.270   -11.832 1.00 13.93 ? 17  C   B C6    1 
ATOM   343 P P     . C   B 1 9 ? -2.268  1.196   -17.334 1.00 37.44 ? 18  C   B P     1 
ATOM   344 O OP1   . C   B 1 9 ? -3.099  1.451   -18.539 0.00 40.57 ? 18  C   B OP1   1 
ATOM   345 O OP2   . C   B 1 9 ? -1.712  -0.165  -17.099 0.00 40.57 ? 18  C   B OP2   1 
ATOM   346 O "O5'" . C   B 1 9 ? -1.081  2.246   -17.323 0.00 40.57 ? 18  C   B "O5'" 1 
HETATM 347 O O     . HOH C 2 . ? -4.635  -0.575  -9.345  1.00 38.60 ? 101 HOH A O     1 
HETATM 348 O O     . HOH C 2 . ? -9.337  -2.817  -6.298  1.00 34.55 ? 102 HOH A O     1 
HETATM 349 O O     . HOH C 2 . ? -5.411  -2.651  5.098   1.00 70.27 ? 103 HOH A O     1 
HETATM 350 O O     . HOH C 2 . ? 0.074   4.050   -4.307  1.00 43.24 ? 104 HOH A O     1 
HETATM 351 O O     . HOH C 2 . ? 6.300   -1.605  9.741   1.00 38.79 ? 110 HOH A O     1 
HETATM 352 O O     . HOH C 2 . ? -6.592  -2.931  -8.430  1.00 69.17 ? 112 HOH A O     1 
HETATM 353 O O     . HOH C 2 . ? -5.074  -0.480  2.630   1.00 63.16 ? 113 HOH A O     1 
HETATM 354 O O     . HOH C 2 . ? -3.230  4.449   -1.897  1.00 76.30 ? 114 HOH A O     1 
HETATM 355 O O     . HOH C 2 . ? -3.166  -2.428  8.171   1.00 54.42 ? 115 HOH A O     1 
HETATM 356 O O     . HOH C 2 . ? -1.030  -4.615  12.175  1.00 57.85 ? 119 HOH A O     1 
HETATM 357 O O     . HOH C 2 . ? -3.604  -11.873 7.497   1.00 71.05 ? 121 HOH A O     1 
HETATM 358 O O     . HOH C 2 . ? 0.654   -9.778  2.883   1.00 89.81 ? 122 HOH A O     1 
HETATM 359 O O     . HOH C 2 . ? -3.784  -10.696 2.679   1.00 73.38 ? 124 HOH A O     1 
HETATM 360 O O     . HOH C 2 . ? -1.202  -4.019  15.315  1.00 81.50 ? 125 HOH A O     1 
HETATM 361 O O     . HOH C 2 . ? -3.998  12.554  -0.137  1.00 77.56 ? 126 HOH A O     1 
HETATM 362 O O     . HOH C 2 . ? 1.221   -1.525  20.688  1.00 78.42 ? 127 HOH A O     1 
HETATM 363 O O     . HOH C 2 . ? -6.041  -5.299  -9.464  0.33 47.36 ? 201 HOH A O     1 
HETATM 364 O O     . HOH C 2 . ? -10.320 -8.048  2.581   0.33 5.79  ? 203 HOH A O     1 
HETATM 365 O O     . HOH C 2 . ? -7.367  -6.151  -5.734  0.33 17.32 ? 205 HOH A O     1 
HETATM 366 O O     . HOH D 2 . ? 0.905   -6.926  -0.200  1.00 52.93 ? 105 HOH B O     1 
HETATM 367 O O     . HOH D 2 . ? 9.995   -5.779  -7.797  1.00 48.14 ? 106 HOH B O     1 
HETATM 368 O O     . HOH D 2 . ? 6.377   -9.445  -3.535  1.00 29.35 ? 107 HOH B O     1 
HETATM 369 O O     . HOH D 2 . ? 3.890   -9.600  -10.330 1.00 45.37 ? 108 HOH B O     1 
HETATM 370 O O     . HOH D 2 . ? -6.653  3.119   -17.581 1.00 80.92 ? 109 HOH B O     1 
HETATM 371 O O     . HOH D 2 . ? 3.393   1.485   -11.251 1.00 52.45 ? 111 HOH B O     1 
HETATM 372 O O     . HOH D 2 . ? -0.824  3.048   6.188   1.00 73.82 ? 116 HOH B O     1 
HETATM 373 O O     . HOH D 2 . ? 4.801   5.140   1.242   1.00 63.65 ? 117 HOH B O     1 
HETATM 374 O O     . HOH D 2 . ? 4.307   0.900   -2.737  1.00 77.95 ? 118 HOH B O     1 
HETATM 375 O O     . HOH D 2 . ? 10.474  -7.584  -10.047 1.00 65.77 ? 120 HOH B O     1 
HETATM 376 O O     . HOH D 2 . ? 1.431   1.726   -1.603  1.00 80.09 ? 123 HOH B O     1 
HETATM 377 O O     . HOH D 2 . ? 6.143   -5.069  -12.445 1.00 78.93 ? 128 HOH B O     1 
HETATM 378 O O     . HOH D 2 . ? -9.612  1.141   -19.277 1.00 70.43 ? 129 HOH B O     1 
HETATM 379 O O     . HOH D 2 . ? -5.160  -0.120  -19.743 1.00 68.64 ? 130 HOH B O     1 
HETATM 380 O O     . HOH D 2 . ? -4.668  -4.416  -13.326 0.33 6.68  ? 202 HOH B O     1 
# 
